data_7WAT
#
_entry.id   7WAT
#
_cell.length_a   55.788
_cell.length_b   83.530
_cell.length_c   192.071
_cell.angle_alpha   90.000
_cell.angle_beta   90.000
_cell.angle_gamma   90.000
#
_symmetry.space_group_name_H-M   'P 21 21 21'
#
loop_
_entity.id
_entity.type
_entity.pdbx_description
1 polymer 'Bifunctional diterpene synthase'
2 water water
#
_entity_poly.entity_id   1
_entity_poly.type   'polypeptide(L)'
_entity_poly.pdbx_seq_one_letter_code
;MGDRVEELDTRETSLLVAEVKGWLMKLASGKGEISPSAYDTAWVARIPSESDSSLPEFPEALEWIINSQLPDGSWGDDRH
LQLYDRVLSTLSCLVTLKTWDIGHNSIAQGTKFLRENMIKLKQDDGDLLSGFEVTFPMMLHEAKQLGLDIPYETEFTRLL
EISTKKKLAKIPLDKIHSAPTTLLYSLEGLQDLEIDWQKILKLQSKDGSFLSSPSSTACVYLKTKGRKSLQYLQNAMEDQ
NYAVPCHYPIDLFESLWVVDTIERLGIDVFFRDEIKAVLDYVYSFWTNEGIGWGSTCLVNDIDDTAMAFRILRMHGYNVS
TDAFNQFWLPGDKFCCFVGELSHGVSEMLNLHRASQVDFPNEAILTKTFKYSHDYLLNVDSAHMDKWATKKNLMGEVAFE
LANPFHDCLPRIYNNAYIKHYGMDDLWIAKTIYRLPLVNNKVFLELANRYAQQCQLYQPAELTKLVNWWHSSRFEDIPST
RLTANIDMLPYIYYVICATFHEQEFAQLRVFFSKACCLNTLFDDLMDCATSIEELDRLQNVIEKWDISLSHELPLEYRIP
FQEFYNTVLVMTEAASKIHKNLSPEFICKYLSGIYTKLIKSEIADARWKIEGYIPSFEEYMENAEVSISTWVHVLMSILF
CGEPLTEEILNTIYDSRPLKLDRIICRLCNDIQTYKIEMKLGQPTQGVSCYMKEHPGATEEDALVYLQSLLEKTKRELNE
SYFITHENDLPKNIKRFNFEMVRMMLITYNETRQVDLFRNPDNELKDMIKFCLETYRTLLEHHHHHH
;
_entity_poly.pdbx_strand_id   B
#
# COMPACT_ATOMS: atom_id res chain seq x y z
N GLU A 6 -12.56 -20.79 -8.75
CA GLU A 6 -12.36 -19.46 -8.18
C GLU A 6 -12.39 -19.50 -6.64
N GLU A 7 -13.28 -20.33 -6.08
CA GLU A 7 -13.41 -20.46 -4.63
C GLU A 7 -12.21 -21.19 -4.03
N LEU A 8 -11.59 -20.58 -3.02
CA LEU A 8 -10.38 -21.14 -2.44
C LEU A 8 -10.57 -21.79 -1.08
N ASP A 9 -11.63 -21.46 -0.36
CA ASP A 9 -11.91 -22.03 0.96
C ASP A 9 -13.41 -22.07 1.11
N THR A 10 -13.93 -23.20 1.57
CA THR A 10 -15.39 -23.37 1.65
C THR A 10 -16.00 -22.96 2.99
N ARG A 11 -15.19 -22.57 3.98
CA ARG A 11 -15.76 -22.23 5.28
C ARG A 11 -16.54 -20.90 5.21
N GLU A 12 -17.51 -20.78 6.12
CA GLU A 12 -18.20 -19.54 6.41
C GLU A 12 -17.22 -18.39 6.60
N THR A 13 -17.63 -17.19 6.19
CA THR A 13 -16.80 -16.00 6.38
C THR A 13 -16.44 -15.78 7.84
N SER A 14 -17.40 -16.00 8.75
CA SER A 14 -17.13 -15.81 10.17
C SER A 14 -15.99 -16.69 10.68
N LEU A 15 -15.80 -17.87 10.08
CA LEU A 15 -14.68 -18.73 10.49
C LEU A 15 -13.36 -18.21 9.94
N LEU A 16 -13.36 -17.72 8.70
CA LEU A 16 -12.15 -17.13 8.14
C LEU A 16 -11.75 -15.90 8.92
N VAL A 17 -12.73 -15.05 9.28
CA VAL A 17 -12.43 -13.82 10.00
C VAL A 17 -11.85 -14.14 11.37
N ALA A 18 -12.47 -15.08 12.09
CA ALA A 18 -11.96 -15.46 13.40
C ALA A 18 -10.54 -16.02 13.29
N GLU A 19 -10.27 -16.82 12.26
CA GLU A 19 -8.92 -17.37 12.10
C GLU A 19 -7.89 -16.27 11.96
N VAL A 20 -8.17 -15.28 11.11
CA VAL A 20 -7.18 -14.23 10.84
C VAL A 20 -7.01 -13.33 12.05
N LYS A 21 -8.11 -13.07 12.79
CA LYS A 21 -7.99 -12.31 14.03
C LYS A 21 -7.08 -13.01 15.02
N GLY A 22 -7.16 -14.35 15.08
CA GLY A 22 -6.23 -15.09 15.92
C GLY A 22 -4.78 -14.91 15.50
N TRP A 23 -4.51 -14.96 14.19
CA TRP A 23 -3.17 -14.73 13.66
C TRP A 23 -2.67 -13.35 14.05
N LEU A 24 -3.53 -12.33 13.86
CA LEU A 24 -3.13 -10.96 14.14
C LEU A 24 -2.80 -10.78 15.62
N MET A 25 -3.62 -11.35 16.51
CA MET A 25 -3.36 -11.18 17.94
C MET A 25 -2.07 -11.87 18.35
N LYS A 26 -1.73 -12.98 17.69
CA LYS A 26 -0.43 -13.62 17.90
C LYS A 26 0.70 -12.72 17.45
N LEU A 27 0.55 -12.05 16.29
CA LEU A 27 1.58 -11.15 15.81
C LEU A 27 1.72 -9.93 16.72
N ALA A 28 0.62 -9.48 17.33
CA ALA A 28 0.66 -8.38 18.28
C ALA A 28 1.38 -8.75 19.56
N SER A 29 1.74 -10.02 19.74
CA SER A 29 2.62 -10.43 20.83
C SER A 29 3.99 -10.87 20.33
N GLY A 30 4.35 -10.60 19.07
CA GLY A 30 5.63 -11.02 18.56
C GLY A 30 5.71 -12.46 18.09
N LYS A 31 4.58 -13.16 18.00
CA LYS A 31 4.57 -14.56 17.57
C LYS A 31 4.00 -14.65 16.17
N GLY A 32 4.74 -15.25 15.26
CA GLY A 32 4.32 -15.42 13.89
C GLY A 32 4.58 -16.84 13.42
N GLU A 33 4.71 -16.96 12.10
CA GLU A 33 4.92 -18.23 11.43
C GLU A 33 5.92 -18.01 10.32
N ILE A 34 7.01 -18.76 10.33
CA ILE A 34 7.95 -18.81 9.22
C ILE A 34 8.34 -20.26 9.04
N SER A 35 8.50 -20.70 7.80
CA SER A 35 8.83 -22.09 7.54
C SER A 35 10.18 -22.44 8.19
N PRO A 36 10.34 -23.63 8.73
CA PRO A 36 11.67 -24.04 9.21
C PRO A 36 12.63 -24.20 8.04
N SER A 37 13.92 -23.98 8.35
CA SER A 37 15.02 -24.16 7.40
C SER A 37 15.75 -25.45 7.75
N ALA A 38 15.72 -26.42 6.82
CA ALA A 38 16.50 -27.64 7.04
C ALA A 38 17.98 -27.31 7.19
N TYR A 39 18.49 -26.39 6.37
CA TYR A 39 19.90 -26.00 6.43
C TYR A 39 20.27 -25.48 7.82
N ASP A 40 19.47 -24.56 8.35
CA ASP A 40 19.78 -23.95 9.64
C ASP A 40 19.55 -24.93 10.79
N THR A 41 18.46 -25.70 10.75
CA THR A 41 18.19 -26.66 11.80
C THR A 41 19.34 -27.66 11.94
N ALA A 42 19.85 -28.13 10.80
CA ALA A 42 20.94 -29.09 10.81
C ALA A 42 22.24 -28.47 11.31
N TRP A 43 22.54 -27.26 10.84
CA TRP A 43 23.70 -26.53 11.34
C TRP A 43 23.66 -26.41 12.87
N VAL A 44 22.55 -25.90 13.40
CA VAL A 44 22.46 -25.68 14.84
C VAL A 44 22.56 -27.00 15.57
N ALA A 45 21.95 -28.07 15.01
CA ALA A 45 22.00 -29.42 15.58
C ALA A 45 23.40 -30.05 15.57
N ARG A 46 24.42 -29.39 15.01
CA ARG A 46 25.80 -29.84 15.22
C ARG A 46 26.26 -29.64 16.67
N ILE A 47 25.62 -28.75 17.42
CA ILE A 47 26.19 -28.25 18.67
C ILE A 47 26.11 -29.34 19.74
N PRO A 48 27.24 -29.72 20.34
CA PRO A 48 27.20 -30.73 21.40
C PRO A 48 26.73 -30.15 22.72
N SER A 49 26.16 -31.02 23.53
CA SER A 49 25.79 -30.62 24.88
C SER A 49 27.00 -30.08 25.63
N GLU A 50 26.78 -29.05 26.42
CA GLU A 50 27.88 -28.36 27.08
C GLU A 50 28.61 -29.26 28.07
N SER A 51 27.86 -30.07 28.82
CA SER A 51 28.48 -30.94 29.81
C SER A 51 29.01 -32.26 29.24
N ASP A 52 28.39 -32.80 28.20
CA ASP A 52 28.78 -34.09 27.61
C ASP A 52 28.88 -33.89 26.10
N SER A 53 30.10 -33.71 25.60
CA SER A 53 30.30 -33.46 24.18
C SER A 53 30.04 -34.67 23.29
N SER A 54 29.68 -35.83 23.86
CA SER A 54 29.26 -36.98 23.07
C SER A 54 27.76 -36.99 22.80
N LEU A 55 27.00 -36.15 23.50
CA LEU A 55 25.56 -35.97 23.38
C LEU A 55 25.25 -34.68 22.65
N PRO A 56 24.28 -34.69 21.73
CA PRO A 56 23.89 -33.44 21.07
C PRO A 56 23.04 -32.56 21.98
N GLU A 57 23.25 -31.25 21.87
CA GLU A 57 22.43 -30.32 22.64
C GLU A 57 20.98 -30.32 22.15
N PHE A 58 20.73 -30.68 20.89
CA PHE A 58 19.39 -30.59 20.30
C PHE A 58 18.98 -31.91 19.64
N PRO A 59 18.80 -32.97 20.44
CA PRO A 59 18.37 -34.24 19.83
C PRO A 59 16.99 -34.17 19.17
N GLU A 60 16.10 -33.28 19.63
CA GLU A 60 14.80 -33.14 18.97
C GLU A 60 14.98 -32.59 17.55
N ALA A 61 15.94 -31.70 17.36
CA ALA A 61 16.23 -31.20 16.02
C ALA A 61 16.70 -32.33 15.11
N LEU A 62 17.47 -33.27 15.64
CA LEU A 62 17.97 -34.39 14.83
C LEU A 62 16.83 -35.31 14.40
N GLU A 63 15.87 -35.54 15.31
CA GLU A 63 14.67 -36.28 14.93
C GLU A 63 13.89 -35.53 13.85
N TRP A 64 13.76 -34.21 13.99
CA TRP A 64 13.09 -33.42 12.95
C TRP A 64 13.74 -33.62 11.59
N ILE A 65 15.08 -33.61 11.54
CA ILE A 65 15.80 -33.77 10.28
C ILE A 65 15.46 -35.12 9.65
N ILE A 66 15.45 -36.19 10.45
CA ILE A 66 15.13 -37.53 9.96
C ILE A 66 13.69 -37.57 9.45
N ASN A 67 12.76 -36.92 10.16
CA ASN A 67 11.35 -37.01 9.83
C ASN A 67 10.92 -36.05 8.73
N SER A 68 11.74 -35.07 8.38
CA SER A 68 11.33 -34.06 7.41
C SER A 68 11.99 -34.26 6.05
N GLN A 69 12.73 -35.33 5.86
CA GLN A 69 13.34 -35.61 4.57
C GLN A 69 12.25 -35.88 3.53
N LEU A 70 12.43 -35.33 2.33
CA LEU A 70 11.43 -35.48 1.29
C LEU A 70 11.56 -36.84 0.63
N PRO A 71 10.51 -37.32 -0.06
CA PRO A 71 10.57 -38.67 -0.62
C PRO A 71 11.66 -38.88 -1.65
N ASP A 72 12.16 -37.83 -2.31
CA ASP A 72 13.25 -38.01 -3.25
C ASP A 72 14.63 -38.01 -2.58
N GLY A 73 14.69 -37.87 -1.25
CA GLY A 73 15.94 -37.89 -0.51
C GLY A 73 16.53 -36.52 -0.21
N SER A 74 15.99 -35.46 -0.80
CA SER A 74 16.51 -34.13 -0.52
C SER A 74 15.79 -33.54 0.69
N TRP A 75 16.32 -32.41 1.16
CA TRP A 75 15.65 -31.52 2.09
C TRP A 75 15.56 -30.17 1.40
N GLY A 76 14.63 -29.35 1.86
CA GLY A 76 14.46 -28.02 1.30
C GLY A 76 13.00 -27.76 1.06
N ASP A 77 12.71 -26.72 0.29
CA ASP A 77 11.32 -26.33 0.13
C ASP A 77 10.58 -27.36 -0.72
N ASP A 78 9.48 -27.86 -0.18
CA ASP A 78 8.77 -28.99 -0.78
C ASP A 78 8.00 -28.59 -2.03
N ARG A 79 7.29 -27.46 -1.99
CA ARG A 79 6.36 -27.12 -3.06
C ARG A 79 7.08 -26.55 -4.28
N HIS A 80 8.26 -25.94 -4.10
CA HIS A 80 9.00 -25.33 -5.20
C HIS A 80 10.42 -25.88 -5.19
N LEU A 81 10.70 -26.79 -6.13
CA LEU A 81 12.02 -27.39 -6.25
C LEU A 81 12.97 -26.39 -6.88
N GLN A 82 14.08 -26.13 -6.20
CA GLN A 82 15.14 -25.28 -6.70
C GLN A 82 16.44 -25.90 -6.24
N LEU A 83 17.35 -26.14 -7.20
CA LEU A 83 18.48 -27.02 -6.94
C LEU A 83 19.46 -26.43 -5.94
N TYR A 84 19.71 -25.12 -6.02
CA TYR A 84 20.52 -24.48 -4.99
C TYR A 84 19.96 -24.77 -3.61
N ASP A 85 18.64 -24.59 -3.47
CA ASP A 85 17.98 -24.82 -2.18
C ASP A 85 18.07 -26.29 -1.77
N ARG A 86 17.72 -27.21 -2.67
CA ARG A 86 17.71 -28.63 -2.31
C ARG A 86 19.13 -29.11 -2.00
N VAL A 87 20.11 -28.71 -2.81
CA VAL A 87 21.47 -29.24 -2.64
C VAL A 87 22.09 -28.70 -1.37
N LEU A 88 21.98 -27.38 -1.14
CA LEU A 88 22.57 -26.80 0.06
C LEU A 88 21.91 -27.36 1.32
N SER A 89 20.57 -27.49 1.31
CA SER A 89 19.86 -28.02 2.47
C SER A 89 20.23 -29.46 2.72
N THR A 90 20.31 -30.27 1.64
CA THR A 90 20.61 -31.69 1.80
C THR A 90 22.02 -31.89 2.35
N LEU A 91 22.99 -31.11 1.87
CA LEU A 91 24.36 -31.23 2.37
C LEU A 91 24.43 -30.94 3.88
N SER A 92 23.71 -29.90 4.33
CA SER A 92 23.72 -29.58 5.75
C SER A 92 23.18 -30.73 6.59
N CYS A 93 22.03 -31.28 6.18
CA CYS A 93 21.45 -32.39 6.92
C CYS A 93 22.37 -33.62 6.93
N LEU A 94 22.98 -33.96 5.78
CA LEU A 94 23.87 -35.12 5.73
C LEU A 94 25.10 -34.94 6.63
N VAL A 95 25.74 -33.76 6.57
CA VAL A 95 26.89 -33.46 7.45
C VAL A 95 26.50 -33.69 8.91
N THR A 96 25.36 -33.13 9.33
CA THR A 96 24.97 -33.23 10.73
C THR A 96 24.58 -34.66 11.11
N LEU A 97 23.86 -35.36 10.25
CA LEU A 97 23.54 -36.76 10.55
C LEU A 97 24.81 -37.58 10.66
N LYS A 98 25.73 -37.35 9.74
CA LYS A 98 26.98 -38.12 9.74
C LYS A 98 27.83 -37.76 10.94
N THR A 99 27.88 -36.47 11.30
CA THR A 99 28.62 -36.03 12.47
C THR A 99 28.20 -36.78 13.73
N TRP A 100 26.91 -36.99 13.90
CA TRP A 100 26.43 -37.70 15.08
C TRP A 100 26.30 -39.20 14.87
N ASP A 101 26.72 -39.71 13.70
CA ASP A 101 26.68 -41.14 13.39
C ASP A 101 25.28 -41.72 13.56
N ILE A 102 24.30 -41.07 12.92
CA ILE A 102 22.90 -41.49 13.03
C ILE A 102 22.25 -41.33 11.66
N GLY A 103 21.00 -41.79 11.58
CA GLY A 103 20.21 -41.61 10.37
C GLY A 103 20.82 -42.25 9.14
N HIS A 104 21.22 -43.51 9.25
CA HIS A 104 21.89 -44.19 8.14
C HIS A 104 21.00 -44.25 6.91
N ASN A 105 19.72 -44.56 7.09
CA ASN A 105 18.84 -44.63 5.92
C ASN A 105 18.63 -43.24 5.32
N SER A 106 18.50 -42.22 6.17
CA SER A 106 18.40 -40.85 5.68
C SER A 106 19.65 -40.46 4.89
N ILE A 107 20.82 -40.87 5.37
CA ILE A 107 22.06 -40.56 4.68
C ILE A 107 22.13 -41.29 3.34
N ALA A 108 21.77 -42.58 3.32
CA ALA A 108 21.72 -43.32 2.06
C ALA A 108 20.81 -42.63 1.05
N GLN A 109 19.61 -42.25 1.48
CA GLN A 109 18.66 -41.62 0.57
C GLN A 109 19.12 -40.22 0.13
N GLY A 110 19.78 -39.47 1.01
CA GLY A 110 20.28 -38.16 0.68
C GLY A 110 21.47 -38.15 -0.26
N THR A 111 22.47 -39.00 0.01
CA THR A 111 23.61 -39.10 -0.89
C THR A 111 23.18 -39.58 -2.27
N LYS A 112 22.17 -40.44 -2.35
CA LYS A 112 21.68 -40.87 -3.65
C LYS A 112 21.11 -39.67 -4.42
N PHE A 113 20.30 -38.84 -3.74
CA PHE A 113 19.78 -37.63 -4.37
C PHE A 113 20.91 -36.78 -4.92
N LEU A 114 21.98 -36.61 -4.14
CA LEU A 114 23.08 -35.74 -4.56
C LEU A 114 23.88 -36.36 -5.71
N ARG A 115 24.00 -37.69 -5.72
CA ARG A 115 24.66 -38.33 -6.86
C ARG A 115 23.84 -38.13 -8.12
N GLU A 116 22.53 -38.13 -8.01
CA GLU A 116 21.69 -37.96 -9.19
C GLU A 116 21.51 -36.51 -9.61
N ASN A 117 21.78 -35.55 -8.72
CA ASN A 117 21.38 -34.18 -9.00
C ASN A 117 22.49 -33.15 -8.97
N MET A 118 23.65 -33.46 -8.38
CA MET A 118 24.71 -32.46 -8.30
C MET A 118 25.16 -31.99 -9.68
N ILE A 119 25.18 -32.91 -10.66
CA ILE A 119 25.57 -32.58 -12.02
C ILE A 119 24.57 -31.61 -12.66
N LYS A 120 23.35 -31.51 -12.12
CA LYS A 120 22.40 -30.57 -12.70
C LYS A 120 22.62 -29.13 -12.24
N LEU A 121 23.52 -28.88 -11.29
CA LEU A 121 23.73 -27.52 -10.83
C LEU A 121 24.36 -26.70 -11.95
N LYS A 122 23.85 -25.49 -12.17
CA LYS A 122 24.29 -24.61 -13.25
C LYS A 122 24.10 -23.17 -12.80
N GLN A 123 24.78 -22.25 -13.47
CA GLN A 123 24.54 -20.84 -13.24
C GLN A 123 23.16 -20.44 -13.76
N ASP A 124 22.69 -19.28 -13.28
CA ASP A 124 21.45 -18.67 -13.74
C ASP A 124 20.28 -19.66 -13.77
N ASP A 125 20.18 -20.46 -12.71
CA ASP A 125 19.14 -21.47 -12.64
C ASP A 125 18.20 -21.24 -11.46
N GLY A 126 18.14 -20.02 -10.96
CA GLY A 126 17.30 -19.67 -9.83
C GLY A 126 17.89 -18.50 -9.07
N ASP A 127 17.15 -18.03 -8.08
CA ASP A 127 17.61 -16.89 -7.30
C ASP A 127 18.88 -17.25 -6.53
N LEU A 128 19.79 -16.30 -6.44
CA LEU A 128 21.00 -16.46 -5.63
C LEU A 128 20.62 -16.50 -4.16
N LEU A 129 20.83 -17.63 -3.49
CA LEU A 129 20.56 -17.66 -2.06
C LEU A 129 21.61 -16.79 -1.33
N SER A 130 21.20 -16.22 -0.21
CA SER A 130 22.08 -15.30 0.50
C SER A 130 23.32 -16.05 0.97
N GLY A 131 24.49 -15.50 0.64
CA GLY A 131 25.75 -16.10 1.02
C GLY A 131 26.12 -17.35 0.28
N PHE A 132 25.33 -17.75 -0.72
CA PHE A 132 25.53 -19.03 -1.41
C PHE A 132 26.97 -19.22 -1.87
N GLU A 133 27.63 -18.14 -2.30
CA GLU A 133 28.98 -18.26 -2.82
C GLU A 133 29.97 -18.73 -1.77
N VAL A 134 29.67 -18.53 -0.49
CA VAL A 134 30.51 -19.07 0.57
C VAL A 134 29.87 -20.25 1.29
N THR A 135 28.54 -20.32 1.42
CA THR A 135 27.95 -21.42 2.17
C THR A 135 28.06 -22.73 1.40
N PHE A 136 27.89 -22.68 0.08
CA PHE A 136 27.89 -23.93 -0.69
C PHE A 136 29.26 -24.57 -0.75
N PRO A 137 30.34 -23.89 -1.15
CA PRO A 137 31.64 -24.57 -1.14
C PRO A 137 32.06 -25.07 0.24
N MET A 138 31.78 -24.29 1.30
CA MET A 138 32.11 -24.73 2.64
C MET A 138 31.41 -26.04 2.96
N MET A 139 30.09 -26.08 2.71
CA MET A 139 29.30 -27.26 3.04
C MET A 139 29.73 -28.48 2.22
N LEU A 140 30.13 -28.27 0.98
CA LEU A 140 30.61 -29.38 0.18
C LEU A 140 31.93 -29.92 0.73
N HIS A 141 32.81 -29.02 1.17
CA HIS A 141 34.07 -29.48 1.76
C HIS A 141 33.82 -30.22 3.07
N GLU A 142 32.87 -29.74 3.87
CA GLU A 142 32.58 -30.44 5.12
C GLU A 142 32.07 -31.84 4.84
N ALA A 143 31.19 -32.00 3.85
CA ALA A 143 30.72 -33.34 3.49
C ALA A 143 31.87 -34.20 2.97
N LYS A 144 32.76 -33.61 2.18
CA LYS A 144 33.91 -34.36 1.68
C LYS A 144 34.78 -34.86 2.83
N GLN A 145 34.99 -34.01 3.84
CA GLN A 145 35.80 -34.39 4.99
C GLN A 145 35.17 -35.51 5.82
N LEU A 146 33.86 -35.67 5.75
CA LEU A 146 33.17 -36.72 6.48
C LEU A 146 33.06 -38.00 5.67
N GLY A 147 33.58 -38.03 4.45
CA GLY A 147 33.51 -39.20 3.60
C GLY A 147 32.14 -39.54 3.05
N LEU A 148 31.29 -38.55 2.81
CA LEU A 148 29.98 -38.86 2.24
C LEU A 148 30.15 -39.25 0.77
N ASP A 149 29.38 -40.26 0.34
CA ASP A 149 29.46 -40.82 -1.01
C ASP A 149 28.68 -39.93 -2.00
N ILE A 150 29.31 -38.80 -2.33
CA ILE A 150 28.69 -37.84 -3.25
C ILE A 150 29.74 -37.35 -4.23
N PRO A 151 29.30 -36.76 -5.34
CA PRO A 151 30.23 -36.05 -6.23
C PRO A 151 30.83 -34.83 -5.54
N TYR A 152 32.15 -34.80 -5.45
CA TYR A 152 32.82 -33.71 -4.76
C TYR A 152 33.17 -32.55 -5.66
N GLU A 153 33.00 -32.70 -6.97
CA GLU A 153 33.28 -31.58 -7.86
C GLU A 153 32.57 -31.79 -9.19
N THR A 154 31.93 -30.74 -9.67
CA THR A 154 31.46 -30.64 -11.03
C THR A 154 32.08 -29.39 -11.61
N GLU A 155 31.89 -29.19 -12.91
CA GLU A 155 32.34 -27.95 -13.51
C GLU A 155 31.76 -26.74 -12.80
N PHE A 156 30.50 -26.86 -12.35
CA PHE A 156 29.86 -25.73 -11.69
C PHE A 156 30.53 -25.42 -10.35
N THR A 157 30.73 -26.44 -9.51
CA THR A 157 31.27 -26.17 -8.18
C THR A 157 32.70 -25.67 -8.28
N ARG A 158 33.47 -26.19 -9.24
CA ARG A 158 34.86 -25.78 -9.43
C ARG A 158 34.97 -24.32 -9.86
N LEU A 159 34.14 -23.89 -10.82
CA LEU A 159 34.12 -22.49 -11.22
C LEU A 159 33.65 -21.59 -10.08
N LEU A 160 32.65 -22.06 -9.32
CA LEU A 160 32.12 -21.28 -8.20
C LEU A 160 33.20 -21.01 -7.16
N GLU A 161 33.85 -22.07 -6.69
CA GLU A 161 34.91 -21.93 -5.70
C GLU A 161 35.98 -20.95 -6.17
N ILE A 162 36.39 -21.06 -7.44
CA ILE A 162 37.42 -20.17 -7.98
C ILE A 162 36.94 -18.73 -7.94
N SER A 163 35.70 -18.49 -8.40
CA SER A 163 35.15 -17.14 -8.35
C SER A 163 35.07 -16.62 -6.91
N THR A 164 34.64 -17.48 -5.98
CA THR A 164 34.52 -17.08 -4.58
C THR A 164 35.87 -16.69 -3.99
N LYS A 165 36.89 -17.54 -4.17
CA LYS A 165 38.21 -17.25 -3.61
C LYS A 165 38.80 -15.97 -4.18
N LYS A 166 38.55 -15.68 -5.47
CA LYS A 166 38.98 -14.40 -6.02
C LYS A 166 38.24 -13.23 -5.37
N LYS A 167 36.94 -13.40 -5.10
CA LYS A 167 36.19 -12.36 -4.39
C LYS A 167 36.71 -12.18 -2.97
N LEU A 168 37.09 -13.27 -2.31
CA LEU A 168 37.51 -13.22 -0.91
C LEU A 168 38.84 -12.47 -0.73
N ALA A 169 39.81 -12.72 -1.61
CA ALA A 169 41.12 -12.11 -1.48
C ALA A 169 41.05 -10.59 -1.48
N LYS A 170 40.04 -10.00 -2.13
CA LYS A 170 39.89 -8.55 -2.20
C LYS A 170 39.25 -7.94 -0.94
N ILE A 171 39.02 -8.71 0.10
CA ILE A 171 38.37 -8.22 1.32
C ILE A 171 39.39 -8.24 2.45
N PRO A 172 39.71 -7.08 3.04
CA PRO A 172 40.54 -7.10 4.26
C PRO A 172 39.73 -7.68 5.41
N LEU A 173 40.34 -8.65 6.11
CA LEU A 173 39.61 -9.37 7.15
C LEU A 173 39.28 -8.50 8.36
N ASP A 174 39.98 -7.38 8.55
CA ASP A 174 39.63 -6.48 9.64
C ASP A 174 38.26 -5.84 9.43
N LYS A 175 37.86 -5.65 8.17
CA LYS A 175 36.58 -5.03 7.86
C LYS A 175 35.39 -5.87 8.33
N ILE A 176 35.58 -7.18 8.46
CA ILE A 176 34.44 -8.01 8.81
C ILE A 176 34.11 -7.92 10.29
N HIS A 177 35.03 -7.46 11.12
CA HIS A 177 34.67 -7.18 12.51
C HIS A 177 34.64 -5.69 12.82
N SER A 178 34.98 -4.83 11.85
CA SER A 178 34.97 -3.39 12.11
C SER A 178 33.55 -2.88 12.20
N ALA A 179 32.72 -3.18 11.22
CA ALA A 179 31.38 -2.65 11.14
C ALA A 179 30.48 -3.75 10.56
N PRO A 180 29.17 -3.65 10.79
CA PRO A 180 28.28 -4.70 10.27
C PRO A 180 28.33 -4.77 8.75
N THR A 181 28.49 -5.98 8.24
CA THR A 181 28.46 -6.27 6.82
C THR A 181 27.51 -7.44 6.60
N THR A 182 27.17 -7.71 5.33
CA THR A 182 26.28 -8.82 5.02
C THR A 182 26.91 -10.17 5.34
N LEU A 183 28.22 -10.25 5.47
CA LEU A 183 28.86 -11.53 5.75
C LEU A 183 28.55 -12.05 7.14
N LEU A 184 28.08 -11.19 8.06
CA LEU A 184 27.67 -11.65 9.39
C LEU A 184 26.49 -12.62 9.33
N TYR A 185 25.73 -12.58 8.25
CA TYR A 185 24.62 -13.50 8.02
C TYR A 185 25.11 -14.89 7.59
N SER A 186 26.37 -15.01 7.15
CA SER A 186 26.89 -16.25 6.57
C SER A 186 28.27 -16.58 7.11
N LEU A 187 28.49 -16.38 8.41
CA LEU A 187 29.80 -16.62 8.99
C LEU A 187 30.21 -18.08 8.88
N GLU A 188 29.25 -19.01 8.82
CA GLU A 188 29.61 -20.41 8.69
C GLU A 188 30.34 -20.67 7.38
N GLY A 189 30.20 -19.79 6.39
CA GLY A 189 30.98 -19.92 5.17
C GLY A 189 32.40 -19.43 5.28
N LEU A 190 32.71 -18.64 6.31
CA LEU A 190 34.05 -18.12 6.53
C LEU A 190 34.78 -18.89 7.64
N GLN A 191 34.30 -20.11 7.93
CA GLN A 191 34.82 -20.93 9.02
C GLN A 191 36.34 -21.06 9.02
N ASP A 192 36.95 -21.10 7.83
CA ASP A 192 38.35 -21.43 7.71
C ASP A 192 39.24 -20.23 7.44
N LEU A 193 38.65 -19.04 7.31
CA LEU A 193 39.47 -17.84 7.16
C LEU A 193 40.00 -17.39 8.51
N GLU A 194 41.06 -16.58 8.49
CA GLU A 194 41.64 -16.15 9.76
C GLU A 194 40.95 -14.86 10.22
N ILE A 195 39.71 -15.09 10.62
CA ILE A 195 38.83 -14.07 11.18
C ILE A 195 39.12 -13.94 12.67
N ASP A 196 39.04 -12.72 13.18
CA ASP A 196 39.15 -12.48 14.62
C ASP A 196 37.80 -12.79 15.25
N TRP A 197 37.61 -14.05 15.65
CA TRP A 197 36.29 -14.48 16.11
C TRP A 197 35.88 -13.75 17.38
N GLN A 198 36.84 -13.51 18.29
CA GLN A 198 36.52 -12.82 19.53
C GLN A 198 36.09 -11.38 19.27
N LYS A 199 36.71 -10.72 18.30
CA LYS A 199 36.27 -9.38 17.92
C LYS A 199 34.93 -9.40 17.20
N ILE A 200 34.65 -10.48 16.45
CA ILE A 200 33.35 -10.61 15.78
C ILE A 200 32.22 -10.52 16.80
N LEU A 201 32.46 -11.01 18.02
CA LEU A 201 31.44 -11.00 19.07
C LEU A 201 30.89 -9.61 19.34
N LYS A 202 31.66 -8.55 19.07
CA LYS A 202 31.09 -7.22 19.33
C LYS A 202 30.00 -6.83 18.34
N LEU A 203 29.90 -7.51 17.20
CA LEU A 203 28.88 -7.23 16.21
C LEU A 203 27.61 -8.06 16.41
N GLN A 204 27.51 -8.81 17.50
CA GLN A 204 26.30 -9.54 17.81
C GLN A 204 25.13 -8.58 18.03
N SER A 205 23.90 -9.11 17.85
CA SER A 205 22.66 -8.39 18.06
C SER A 205 22.30 -8.38 19.55
N LYS A 206 21.20 -7.70 19.89
CA LYS A 206 20.74 -7.62 21.28
C LYS A 206 20.50 -9.00 21.91
N ASP A 207 20.17 -9.99 21.08
CA ASP A 207 19.83 -11.32 21.58
C ASP A 207 20.97 -12.30 21.45
N GLY A 208 22.13 -11.87 20.97
CA GLY A 208 23.27 -12.74 20.79
C GLY A 208 23.44 -13.31 19.40
N SER A 209 22.54 -12.99 18.46
CA SER A 209 22.61 -13.58 17.14
C SER A 209 23.50 -12.76 16.20
N PHE A 210 23.85 -13.37 15.08
CA PHE A 210 24.58 -12.66 14.04
C PHE A 210 23.66 -12.49 12.83
N LEU A 211 23.19 -11.24 12.67
CA LEU A 211 22.15 -10.84 11.72
C LEU A 211 20.98 -11.82 11.74
N SER A 212 20.62 -12.26 12.95
CA SER A 212 19.45 -13.12 13.19
C SER A 212 19.53 -14.48 12.49
N SER A 213 20.71 -14.93 12.07
CA SER A 213 20.83 -16.23 11.40
C SER A 213 21.21 -17.29 12.42
N PRO A 214 20.40 -18.34 12.62
CA PRO A 214 20.82 -19.42 13.53
C PRO A 214 22.13 -20.12 13.12
N SER A 215 22.31 -20.43 11.85
CA SER A 215 23.55 -21.10 11.43
C SER A 215 24.76 -20.18 11.62
N SER A 216 24.66 -18.92 11.21
CA SER A 216 25.79 -18.02 11.38
C SER A 216 26.18 -17.92 12.85
N THR A 217 25.16 -17.79 13.71
CA THR A 217 25.33 -17.70 15.15
C THR A 217 25.94 -18.97 15.73
N ALA A 218 25.44 -20.14 15.27
CA ALA A 218 25.97 -21.42 15.72
C ALA A 218 27.46 -21.53 15.42
N CYS A 219 27.88 -20.98 14.28
CA CYS A 219 29.29 -21.00 13.92
C CYS A 219 30.12 -20.15 14.87
N VAL A 220 29.63 -18.95 15.21
CA VAL A 220 30.35 -18.12 16.18
C VAL A 220 30.39 -18.80 17.55
N TYR A 221 29.28 -19.44 17.95
CA TYR A 221 29.28 -20.17 19.22
C TYR A 221 30.39 -21.23 19.23
N LEU A 222 30.49 -22.03 18.17
CA LEU A 222 31.50 -23.08 18.17
C LEU A 222 32.92 -22.51 18.14
N LYS A 223 33.11 -21.30 17.58
CA LYS A 223 34.41 -20.65 17.56
C LYS A 223 34.77 -19.98 18.89
N THR A 224 33.79 -19.47 19.62
CA THR A 224 34.04 -18.59 20.77
C THR A 224 33.41 -19.05 22.09
N LYS A 225 32.45 -19.97 22.05
CA LYS A 225 31.66 -20.38 23.21
C LYS A 225 30.93 -19.21 23.86
N GLY A 226 30.61 -18.16 23.09
CA GLY A 226 29.86 -17.04 23.66
C GLY A 226 28.53 -17.45 24.27
N ARG A 227 28.27 -17.04 25.52
CA ARG A 227 27.07 -17.51 26.20
C ARG A 227 25.79 -17.00 25.52
N LYS A 228 25.71 -15.68 25.29
CA LYS A 228 24.48 -15.12 24.72
C LYS A 228 24.12 -15.78 23.39
N SER A 229 25.12 -16.08 22.56
CA SER A 229 24.88 -16.77 21.30
C SER A 229 24.29 -18.17 21.50
N LEU A 230 24.83 -18.95 22.44
CA LEU A 230 24.22 -20.26 22.69
C LEU A 230 22.79 -20.10 23.19
N GLN A 231 22.55 -19.11 24.05
CA GLN A 231 21.20 -18.94 24.60
C GLN A 231 20.21 -18.51 23.51
N TYR A 232 20.64 -17.64 22.59
CA TYR A 232 19.81 -17.32 21.42
C TYR A 232 19.33 -18.59 20.74
N LEU A 233 20.25 -19.53 20.56
CA LEU A 233 19.95 -20.76 19.84
C LEU A 233 19.04 -21.67 20.65
N GLN A 234 19.35 -21.84 21.94
CA GLN A 234 18.52 -22.66 22.81
C GLN A 234 17.09 -22.16 22.83
N ASN A 235 16.91 -20.84 22.91
CA ASN A 235 15.57 -20.30 23.01
C ASN A 235 14.88 -20.28 21.65
N ALA A 236 15.62 -20.01 20.58
CA ALA A 236 15.05 -20.15 19.24
C ALA A 236 14.57 -21.58 19.01
N MET A 237 15.40 -22.56 19.37
CA MET A 237 15.05 -23.96 19.16
C MET A 237 13.78 -24.33 19.93
N GLU A 238 13.68 -23.90 21.19
CA GLU A 238 12.48 -24.24 21.94
C GLU A 238 11.26 -23.51 21.38
N ASP A 239 11.43 -22.25 20.96
CA ASP A 239 10.29 -21.47 20.50
C ASP A 239 9.72 -22.02 19.22
N GLN A 240 10.59 -22.52 18.33
CA GLN A 240 10.22 -23.03 17.02
C GLN A 240 10.06 -24.54 16.99
N ASN A 241 9.86 -25.16 18.15
CA ASN A 241 9.65 -26.61 18.25
C ASN A 241 10.80 -27.39 17.60
N TYR A 242 12.03 -26.93 17.81
CA TYR A 242 13.28 -27.61 17.42
C TYR A 242 13.45 -27.74 15.91
N ALA A 243 12.89 -26.81 15.15
CA ALA A 243 13.20 -26.63 13.74
C ALA A 243 13.25 -25.13 13.49
N VAL A 244 14.43 -24.57 13.29
CA VAL A 244 14.59 -23.12 13.24
C VAL A 244 14.55 -22.62 11.80
N PRO A 245 14.17 -21.36 11.57
CA PRO A 245 14.18 -20.80 10.22
C PRO A 245 15.53 -20.20 9.85
N CYS A 246 15.61 -19.57 8.65
CA CYS A 246 16.80 -18.85 8.19
C CYS A 246 17.11 -17.59 9.01
N HIS A 247 16.13 -17.04 9.70
CA HIS A 247 16.34 -15.84 10.50
C HIS A 247 15.19 -15.71 11.47
N TYR A 248 15.51 -15.20 12.65
CA TYR A 248 14.60 -15.26 13.79
C TYR A 248 15.10 -14.28 14.84
N PRO A 249 14.24 -13.48 15.44
CA PRO A 249 12.85 -13.28 15.01
C PRO A 249 12.73 -12.14 13.98
N ILE A 250 11.72 -12.23 13.12
CA ILE A 250 11.42 -11.15 12.19
C ILE A 250 10.05 -10.62 12.57
N ASP A 251 9.88 -10.30 13.85
CA ASP A 251 8.56 -9.96 14.34
C ASP A 251 8.08 -8.60 13.82
N LEU A 252 8.97 -7.72 13.38
CA LEU A 252 8.47 -6.45 12.86
C LEU A 252 8.15 -6.56 11.38
N PHE A 253 9.08 -7.09 10.60
CA PHE A 253 8.83 -7.35 9.20
C PHE A 253 7.55 -8.15 8.99
N GLU A 254 7.43 -9.29 9.69
CA GLU A 254 6.28 -10.16 9.51
C GLU A 254 4.98 -9.42 9.83
N SER A 255 4.92 -8.74 10.98
CA SER A 255 3.65 -8.13 11.36
C SER A 255 3.28 -6.97 10.43
N LEU A 256 4.26 -6.17 10.00
CA LEU A 256 3.96 -5.07 9.07
C LEU A 256 3.56 -5.59 7.69
N TRP A 257 4.25 -6.61 7.19
CA TRP A 257 3.87 -7.12 5.89
C TRP A 257 2.48 -7.77 5.94
N VAL A 258 2.11 -8.38 7.06
CA VAL A 258 0.76 -8.93 7.19
C VAL A 258 -0.27 -7.81 7.16
N VAL A 259 -0.07 -6.78 7.99
CA VAL A 259 -1.02 -5.68 8.00
C VAL A 259 -1.07 -5.00 6.64
N ASP A 260 0.09 -4.80 6.00
CA ASP A 260 0.11 -4.20 4.67
C ASP A 260 -0.71 -5.04 3.69
N THR A 261 -0.51 -6.35 3.71
CA THR A 261 -1.22 -7.24 2.80
C THR A 261 -2.71 -7.14 2.99
N ILE A 262 -3.16 -7.09 4.25
CA ILE A 262 -4.58 -7.00 4.55
C ILE A 262 -5.15 -5.68 4.03
N GLU A 263 -4.39 -4.60 4.17
CA GLU A 263 -4.87 -3.29 3.71
C GLU A 263 -4.85 -3.21 2.18
N ARG A 264 -3.76 -3.65 1.54
CA ARG A 264 -3.70 -3.61 0.08
C ARG A 264 -4.81 -4.45 -0.54
N LEU A 265 -5.18 -5.57 0.09
CA LEU A 265 -6.27 -6.40 -0.39
C LEU A 265 -7.64 -5.82 -0.07
N GLY A 266 -7.72 -4.81 0.78
CA GLY A 266 -9.00 -4.24 1.12
C GLY A 266 -9.82 -5.03 2.13
N ILE A 267 -9.21 -5.94 2.87
CA ILE A 267 -9.95 -6.69 3.88
C ILE A 267 -9.73 -6.16 5.29
N ASP A 268 -9.07 -5.00 5.45
CA ASP A 268 -8.92 -4.43 6.79
C ASP A 268 -10.28 -4.10 7.42
N VAL A 269 -11.35 -4.05 6.63
CA VAL A 269 -12.69 -3.76 7.14
C VAL A 269 -13.12 -4.77 8.20
N PHE A 270 -12.59 -6.00 8.17
CA PHE A 270 -12.91 -7.01 9.17
C PHE A 270 -12.05 -6.94 10.44
N PHE A 271 -10.95 -6.17 10.46
CA PHE A 271 -9.89 -6.41 11.44
C PHE A 271 -9.41 -5.14 12.16
N ARG A 272 -10.26 -4.12 12.29
CA ARG A 272 -9.81 -2.84 12.86
C ARG A 272 -9.12 -2.98 14.21
N ASP A 273 -9.75 -3.65 15.18
CA ASP A 273 -9.17 -3.72 16.52
C ASP A 273 -7.89 -4.53 16.55
N GLU A 274 -7.86 -5.63 15.78
CA GLU A 274 -6.66 -6.47 15.78
C GLU A 274 -5.49 -5.77 15.08
N ILE A 275 -5.77 -5.06 13.98
CA ILE A 275 -4.69 -4.30 13.35
C ILE A 275 -4.15 -3.27 14.34
N LYS A 276 -5.03 -2.63 15.10
CA LYS A 276 -4.57 -1.69 16.11
C LYS A 276 -3.66 -2.38 17.13
N ALA A 277 -4.01 -3.60 17.55
CA ALA A 277 -3.14 -4.35 18.45
C ALA A 277 -1.75 -4.53 17.83
N VAL A 278 -1.69 -4.86 16.53
CA VAL A 278 -0.40 -5.13 15.89
C VAL A 278 0.41 -3.84 15.76
N LEU A 279 -0.25 -2.74 15.40
CA LEU A 279 0.49 -1.50 15.23
C LEU A 279 0.95 -0.93 16.58
N ASP A 280 0.23 -1.22 17.66
CA ASP A 280 0.73 -0.82 18.98
C ASP A 280 2.01 -1.59 19.33
N TYR A 281 2.04 -2.89 19.00
CA TYR A 281 3.25 -3.68 19.20
C TYR A 281 4.40 -3.13 18.38
N VAL A 282 4.18 -2.90 17.08
CA VAL A 282 5.20 -2.29 16.24
C VAL A 282 5.65 -0.95 16.81
N TYR A 283 4.69 -0.11 17.20
CA TYR A 283 5.06 1.22 17.66
C TYR A 283 5.92 1.16 18.92
N SER A 284 5.76 0.10 19.72
CA SER A 284 6.56 -0.01 20.93
C SER A 284 8.05 -0.20 20.62
N PHE A 285 8.39 -0.48 19.36
CA PHE A 285 9.76 -0.63 18.89
C PHE A 285 10.20 0.42 17.89
N TRP A 286 9.30 1.29 17.43
CA TRP A 286 9.69 2.36 16.52
C TRP A 286 10.63 3.33 17.22
N THR A 287 11.66 3.80 16.50
CA THR A 287 12.61 4.79 17.02
C THR A 287 12.78 5.93 16.01
N ASN A 288 13.44 6.98 16.46
CA ASN A 288 13.82 8.09 15.58
C ASN A 288 14.87 7.68 14.55
N GLU A 289 15.39 6.46 14.61
CA GLU A 289 16.26 5.89 13.59
C GLU A 289 15.55 4.73 12.87
N GLY A 290 14.23 4.77 12.84
CA GLY A 290 13.47 3.73 12.21
C GLY A 290 13.64 2.41 12.93
N ILE A 291 13.52 1.33 12.16
CA ILE A 291 13.55 -0.05 12.67
C ILE A 291 14.28 -0.92 11.66
N GLY A 292 14.59 -2.14 12.11
CA GLY A 292 15.01 -3.22 11.26
C GLY A 292 13.92 -4.27 11.13
N TRP A 293 14.33 -5.48 10.76
CA TRP A 293 13.32 -6.50 10.53
C TRP A 293 12.77 -7.08 11.82
N GLY A 294 13.45 -6.86 12.95
CA GLY A 294 13.02 -7.48 14.19
C GLY A 294 13.39 -6.65 15.40
N SER A 295 12.78 -7.00 16.52
CA SER A 295 12.95 -6.23 17.74
C SER A 295 14.32 -6.45 18.38
N THR A 296 15.07 -7.46 17.96
CA THR A 296 16.42 -7.71 18.45
C THR A 296 17.48 -7.45 17.39
N CYS A 297 17.14 -6.83 16.27
CA CYS A 297 18.06 -6.92 15.14
C CYS A 297 19.17 -5.87 15.26
N LEU A 298 20.23 -6.07 14.47
CA LEU A 298 21.45 -5.27 14.61
C LEU A 298 21.29 -3.88 14.01
N VAL A 299 20.74 -3.79 12.81
CA VAL A 299 20.79 -2.55 12.06
C VAL A 299 19.39 -2.20 11.58
N ASN A 300 19.20 -0.93 11.28
CA ASN A 300 17.97 -0.47 10.66
C ASN A 300 18.07 -0.65 9.16
N ASP A 301 16.91 -0.74 8.51
CA ASP A 301 16.90 -0.79 7.06
C ASP A 301 15.69 0.00 6.55
N ILE A 302 15.83 0.50 5.32
CA ILE A 302 14.83 1.42 4.79
C ILE A 302 13.53 0.71 4.39
N ASP A 303 13.58 -0.59 4.09
CA ASP A 303 12.36 -1.31 3.74
C ASP A 303 11.44 -1.41 4.95
N ASP A 304 11.92 -1.98 6.06
CA ASP A 304 11.13 -1.98 7.29
C ASP A 304 10.82 -0.58 7.75
N THR A 305 11.79 0.34 7.67
CA THR A 305 11.53 1.70 8.14
C THR A 305 10.44 2.38 7.33
N ALA A 306 10.46 2.22 5.99
CA ALA A 306 9.45 2.86 5.16
C ALA A 306 8.08 2.22 5.35
N MET A 307 8.03 0.88 5.50
CA MET A 307 6.75 0.22 5.75
C MET A 307 6.15 0.67 7.09
N ALA A 308 6.95 0.63 8.16
CA ALA A 308 6.49 1.11 9.46
C ALA A 308 6.10 2.59 9.40
N PHE A 309 6.97 3.41 8.80
CA PHE A 309 6.70 4.84 8.78
C PHE A 309 5.32 5.10 8.16
N ARG A 310 5.05 4.50 7.01
CA ARG A 310 3.81 4.79 6.28
C ARG A 310 2.59 4.29 7.04
N ILE A 311 2.59 3.03 7.47
CA ILE A 311 1.39 2.47 8.09
C ILE A 311 1.11 3.12 9.43
N LEU A 312 2.17 3.36 10.22
CA LEU A 312 1.99 4.02 11.51
C LEU A 312 1.45 5.44 11.34
N ARG A 313 2.08 6.22 10.47
CA ARG A 313 1.58 7.58 10.24
C ARG A 313 0.14 7.56 9.75
N MET A 314 -0.19 6.65 8.84
CA MET A 314 -1.54 6.61 8.30
C MET A 314 -2.57 6.26 9.35
N HIS A 315 -2.17 5.57 10.41
CA HIS A 315 -3.05 5.21 11.50
C HIS A 315 -2.96 6.19 12.66
N GLY A 316 -2.33 7.34 12.44
CA GLY A 316 -2.36 8.43 13.40
C GLY A 316 -1.19 8.46 14.37
N TYR A 317 -0.22 7.57 14.26
CA TYR A 317 0.93 7.56 15.16
C TYR A 317 1.92 8.65 14.78
N ASN A 318 2.60 9.20 15.80
CA ASN A 318 3.63 10.23 15.56
C ASN A 318 4.95 9.54 15.20
N VAL A 319 5.36 9.67 13.94
CA VAL A 319 6.64 9.15 13.49
C VAL A 319 7.38 10.29 12.78
N SER A 320 8.69 10.36 13.00
CA SER A 320 9.53 11.41 12.45
C SER A 320 10.21 10.93 11.17
N THR A 321 10.26 11.80 10.16
CA THR A 321 11.00 11.49 8.94
C THR A 321 12.51 11.50 9.15
N ASP A 322 12.99 11.85 10.36
CA ASP A 322 14.41 11.72 10.66
C ASP A 322 14.90 10.29 10.53
N ALA A 323 13.98 9.33 10.58
CA ALA A 323 14.36 7.93 10.47
C ALA A 323 15.04 7.62 9.13
N PHE A 324 14.86 8.48 8.12
CA PHE A 324 15.42 8.25 6.79
C PHE A 324 16.79 8.92 6.59
N ASN A 325 17.21 9.79 7.52
CA ASN A 325 18.45 10.54 7.34
C ASN A 325 19.65 9.62 7.21
N GLN A 326 19.67 8.53 8.00
CA GLN A 326 20.79 7.60 8.02
C GLN A 326 21.00 6.90 6.68
N PHE A 327 19.99 6.87 5.82
CA PHE A 327 20.09 6.16 4.55
C PHE A 327 20.47 7.08 3.41
N TRP A 328 20.61 8.38 3.68
CA TRP A 328 20.95 9.35 2.64
C TRP A 328 22.39 9.14 2.17
N LEU A 329 22.60 9.31 0.87
CA LEU A 329 23.88 9.22 0.19
C LEU A 329 24.08 10.50 -0.62
N PRO A 330 25.33 10.84 -0.92
CA PRO A 330 25.56 12.08 -1.69
C PRO A 330 24.89 12.01 -3.06
N GLY A 331 24.37 13.15 -3.49
CA GLY A 331 23.53 13.21 -4.68
C GLY A 331 22.06 12.94 -4.41
N ASP A 332 21.64 12.91 -3.15
CA ASP A 332 20.27 12.61 -2.77
C ASP A 332 19.85 11.22 -3.24
N LYS A 333 20.74 10.25 -3.07
CA LYS A 333 20.42 8.84 -3.25
C LYS A 333 20.18 8.20 -1.88
N PHE A 334 19.61 7.01 -1.90
CA PHE A 334 19.34 6.31 -0.65
C PHE A 334 19.77 4.86 -0.76
N CYS A 335 20.20 4.32 0.37
CA CYS A 335 20.49 2.89 0.50
C CYS A 335 19.43 2.23 1.35
N CYS A 336 19.35 0.90 1.21
CA CYS A 336 18.51 0.09 2.09
C CYS A 336 19.23 -0.20 3.40
N PHE A 337 20.47 -0.66 3.31
CA PHE A 337 21.33 -0.93 4.43
C PHE A 337 22.55 -0.03 4.29
N VAL A 338 22.93 0.61 5.40
CA VAL A 338 24.11 1.46 5.36
C VAL A 338 25.33 0.59 5.09
N GLY A 339 26.14 0.99 4.10
CA GLY A 339 27.29 0.23 3.67
C GLY A 339 27.03 -0.79 2.59
N GLU A 340 25.78 -0.92 2.13
CA GLU A 340 25.42 -1.92 1.13
C GLU A 340 26.14 -1.67 -0.20
N LEU A 341 26.29 -2.75 -0.97
CA LEU A 341 26.82 -2.63 -2.33
C LEU A 341 25.74 -2.20 -3.31
N SER A 342 24.49 -2.58 -3.06
CA SER A 342 23.35 -2.23 -3.91
C SER A 342 22.09 -2.68 -3.18
N HIS A 343 20.93 -2.38 -3.76
CA HIS A 343 19.67 -2.79 -3.15
C HIS A 343 18.72 -3.27 -4.24
N GLY A 344 17.51 -3.65 -3.82
CA GLY A 344 16.54 -4.22 -4.73
C GLY A 344 15.30 -3.38 -4.92
N VAL A 345 14.26 -3.99 -5.50
CA VAL A 345 13.06 -3.27 -5.92
C VAL A 345 12.06 -3.11 -4.79
N SER A 346 11.85 -4.16 -4.01
CA SER A 346 10.83 -4.14 -2.97
C SER A 346 10.95 -2.91 -2.08
N GLU A 347 12.17 -2.64 -1.61
CA GLU A 347 12.39 -1.51 -0.71
C GLU A 347 12.16 -0.17 -1.41
N MET A 348 12.41 -0.09 -2.73
CA MET A 348 12.11 1.15 -3.43
C MET A 348 10.61 1.34 -3.62
N LEU A 349 9.89 0.24 -3.87
CA LEU A 349 8.45 0.32 -3.95
C LEU A 349 7.86 0.85 -2.64
N ASN A 350 8.34 0.32 -1.52
CA ASN A 350 7.81 0.78 -0.24
C ASN A 350 8.31 2.17 0.13
N LEU A 351 9.54 2.53 -0.25
CA LEU A 351 10.00 3.90 -0.06
C LEU A 351 9.15 4.89 -0.87
N HIS A 352 8.79 4.51 -2.10
CA HIS A 352 7.97 5.36 -2.96
C HIS A 352 6.59 5.60 -2.33
N ARG A 353 5.96 4.52 -1.83
CA ARG A 353 4.68 4.66 -1.14
C ARG A 353 4.80 5.52 0.10
N ALA A 354 5.87 5.33 0.89
CA ALA A 354 6.01 6.06 2.15
C ALA A 354 6.16 7.56 1.91
N SER A 355 6.88 7.94 0.83
CA SER A 355 7.22 9.34 0.56
C SER A 355 6.00 10.22 0.30
N GLN A 356 4.84 9.62 -0.03
CA GLN A 356 3.66 10.36 -0.44
C GLN A 356 2.72 10.70 0.72
N VAL A 357 2.98 10.21 1.93
CA VAL A 357 2.18 10.66 3.06
C VAL A 357 2.97 11.73 3.82
N ASP A 358 3.61 12.65 3.09
CA ASP A 358 4.50 13.61 3.72
C ASP A 358 3.72 14.78 4.33
N PHE A 359 4.31 15.38 5.34
CA PHE A 359 3.81 16.56 6.02
C PHE A 359 4.67 17.75 5.63
N PRO A 360 4.23 18.98 5.95
CA PRO A 360 5.08 20.14 5.65
C PRO A 360 6.42 20.03 6.35
N ASN A 361 7.44 20.64 5.74
CA ASN A 361 8.79 20.72 6.31
C ASN A 361 9.38 19.34 6.53
N GLU A 362 9.18 18.44 5.56
CA GLU A 362 9.79 17.12 5.58
C GLU A 362 10.49 16.89 4.26
N ALA A 363 11.51 17.70 3.99
CA ALA A 363 12.12 17.75 2.65
C ALA A 363 12.79 16.43 2.28
N ILE A 364 13.22 15.64 3.28
CA ILE A 364 13.83 14.33 3.01
C ILE A 364 12.86 13.43 2.24
N LEU A 365 11.55 13.57 2.46
CA LEU A 365 10.60 12.72 1.74
C LEU A 365 10.44 13.15 0.28
N THR A 366 10.77 14.41 -0.04
CA THR A 366 10.84 14.80 -1.44
C THR A 366 12.07 14.17 -2.12
N LYS A 367 13.18 14.09 -1.40
CA LYS A 367 14.35 13.42 -1.94
C LYS A 367 14.12 11.92 -2.11
N THR A 368 13.52 11.26 -1.09
CA THR A 368 13.25 9.82 -1.22
C THR A 368 12.26 9.54 -2.33
N PHE A 369 11.28 10.42 -2.53
CA PHE A 369 10.32 10.22 -3.62
C PHE A 369 11.01 10.26 -4.97
N LYS A 370 11.82 11.30 -5.20
CA LYS A 370 12.50 11.46 -6.48
C LYS A 370 13.50 10.34 -6.71
N TYR A 371 14.20 9.91 -5.67
CA TYR A 371 15.16 8.83 -5.86
C TYR A 371 14.42 7.53 -6.17
N SER A 372 13.38 7.20 -5.40
CA SER A 372 12.70 5.91 -5.61
C SER A 372 11.94 5.91 -6.92
N HIS A 373 11.32 7.04 -7.28
CA HIS A 373 10.57 7.09 -8.52
C HIS A 373 11.48 6.89 -9.72
N ASP A 374 12.66 7.52 -9.69
CA ASP A 374 13.61 7.34 -10.78
C ASP A 374 14.13 5.92 -10.83
N TYR A 375 14.44 5.34 -9.66
CA TYR A 375 14.82 3.93 -9.61
C TYR A 375 13.74 3.06 -10.25
N LEU A 376 12.49 3.25 -9.86
CA LEU A 376 11.42 2.38 -10.32
C LEU A 376 11.18 2.53 -11.82
N LEU A 377 11.32 3.75 -12.34
CA LEU A 377 11.17 3.96 -13.77
C LEU A 377 12.23 3.25 -14.60
N ASN A 378 13.40 2.96 -14.02
CA ASN A 378 14.52 2.44 -14.79
C ASN A 378 14.83 0.97 -14.50
N VAL A 379 13.91 0.25 -13.86
CA VAL A 379 14.16 -1.17 -13.62
C VAL A 379 14.05 -1.93 -14.93
N ASP A 380 14.69 -3.09 -14.99
CA ASP A 380 14.63 -3.98 -16.15
C ASP A 380 13.43 -4.90 -15.97
N SER A 381 12.30 -4.55 -16.60
CA SER A 381 11.07 -5.30 -16.34
C SER A 381 11.13 -6.73 -16.85
N ALA A 382 11.83 -6.96 -17.96
CA ALA A 382 11.97 -8.31 -18.51
C ALA A 382 12.65 -9.28 -17.54
N HIS A 383 13.52 -8.80 -16.65
CA HIS A 383 14.30 -9.67 -15.78
C HIS A 383 13.98 -9.53 -14.31
N MET A 384 12.97 -8.77 -13.92
CA MET A 384 12.79 -8.50 -12.50
C MET A 384 11.98 -9.61 -11.85
N ASP A 385 12.50 -10.17 -10.77
CA ASP A 385 11.92 -11.36 -10.14
C ASP A 385 11.62 -12.45 -11.17
N LYS A 386 12.62 -12.77 -12.00
CA LYS A 386 12.35 -13.61 -13.17
C LYS A 386 11.97 -15.04 -12.80
N TRP A 387 12.32 -15.49 -11.61
CA TRP A 387 11.90 -16.81 -11.13
C TRP A 387 10.53 -16.79 -10.46
N ALA A 388 9.87 -15.62 -10.40
CA ALA A 388 8.51 -15.48 -9.90
C ALA A 388 8.39 -15.94 -8.45
N THR A 389 9.32 -15.47 -7.60
CA THR A 389 9.13 -15.68 -6.17
C THR A 389 7.85 -15.01 -5.72
N LYS A 390 7.51 -13.87 -6.33
CA LYS A 390 6.23 -13.20 -6.16
C LYS A 390 5.42 -13.36 -7.44
N LYS A 391 4.10 -13.26 -7.30
CA LYS A 391 3.24 -13.51 -8.45
C LYS A 391 3.39 -12.43 -9.51
N ASN A 392 3.51 -11.17 -9.11
CA ASN A 392 3.62 -10.12 -10.11
C ASN A 392 4.24 -8.85 -9.53
N LEU A 393 5.51 -8.93 -9.14
CA LEU A 393 6.18 -7.79 -8.53
C LEU A 393 6.27 -6.62 -9.50
N MET A 394 6.64 -6.86 -10.76
CA MET A 394 6.69 -5.78 -11.74
C MET A 394 5.32 -5.15 -11.98
N GLY A 395 4.25 -5.92 -11.84
CA GLY A 395 2.91 -5.34 -11.97
C GLY A 395 2.58 -4.40 -10.83
N GLU A 396 3.05 -4.71 -9.63
CA GLU A 396 2.95 -3.81 -8.48
C GLU A 396 3.73 -2.52 -8.72
N VAL A 397 4.94 -2.65 -9.28
CA VAL A 397 5.76 -1.48 -9.59
C VAL A 397 5.09 -0.63 -10.66
N ALA A 398 4.61 -1.27 -11.73
CA ALA A 398 3.85 -0.54 -12.75
C ALA A 398 2.67 0.21 -12.13
N PHE A 399 1.89 -0.46 -11.29
CA PHE A 399 0.71 0.17 -10.73
C PHE A 399 1.09 1.35 -9.86
N GLU A 400 2.17 1.21 -9.09
CA GLU A 400 2.57 2.29 -8.20
C GLU A 400 3.09 3.50 -8.97
N LEU A 401 3.76 3.27 -10.11
CA LEU A 401 4.25 4.40 -10.91
C LEU A 401 3.11 5.14 -11.60
N ALA A 402 2.04 4.45 -11.95
CA ALA A 402 0.94 5.03 -12.71
C ALA A 402 -0.16 5.63 -11.83
N ASN A 403 -0.11 5.43 -10.51
CA ASN A 403 -1.21 5.79 -9.61
C ASN A 403 -0.67 6.49 -8.37
N PRO A 404 -0.46 7.80 -8.45
CA PRO A 404 -0.09 8.57 -7.25
C PRO A 404 -1.07 8.33 -6.11
N PHE A 405 -0.54 8.32 -4.89
CA PHE A 405 -1.34 8.08 -3.69
C PHE A 405 -2.61 8.93 -3.67
N HIS A 406 -2.47 10.23 -3.94
CA HIS A 406 -3.62 11.12 -3.89
C HIS A 406 -4.50 11.04 -5.12
N ASP A 407 -4.09 10.31 -6.14
CA ASP A 407 -4.90 10.11 -7.35
C ASP A 407 -5.52 8.73 -7.41
N CYS A 408 -5.56 8.01 -6.31
CA CYS A 408 -5.98 6.61 -6.31
C CYS A 408 -7.14 6.43 -5.35
N LEU A 409 -8.08 5.59 -5.72
CA LEU A 409 -9.18 5.37 -4.82
C LEU A 409 -9.07 3.96 -4.23
N PRO A 410 -9.60 3.75 -3.01
CA PRO A 410 -9.38 2.46 -2.31
C PRO A 410 -9.69 1.20 -3.13
N ARG A 411 -10.92 1.05 -3.63
CA ARG A 411 -11.29 -0.19 -4.31
C ARG A 411 -10.57 -0.35 -5.63
N ILE A 412 -10.24 0.75 -6.30
CA ILE A 412 -9.39 0.68 -7.49
C ILE A 412 -8.07 0.02 -7.12
N TYR A 413 -7.42 0.51 -6.07
CA TYR A 413 -6.19 -0.10 -5.60
C TYR A 413 -6.41 -1.55 -5.20
N ASN A 414 -7.47 -1.82 -4.43
CA ASN A 414 -7.69 -3.17 -3.91
C ASN A 414 -7.94 -4.19 -5.02
N ASN A 415 -8.75 -3.82 -6.02
CA ASN A 415 -9.06 -4.76 -7.10
C ASN A 415 -7.85 -5.02 -7.99
N ALA A 416 -6.98 -4.02 -8.18
CA ALA A 416 -5.71 -4.27 -8.87
C ALA A 416 -4.80 -5.18 -8.04
N TYR A 417 -4.68 -4.94 -6.74
CA TYR A 417 -3.74 -5.78 -5.99
C TYR A 417 -4.27 -7.20 -5.83
N ILE A 418 -5.59 -7.39 -5.84
CA ILE A 418 -6.15 -8.74 -5.76
C ILE A 418 -5.62 -9.61 -6.89
N LYS A 419 -5.38 -9.00 -8.06
CA LYS A 419 -4.85 -9.71 -9.21
C LYS A 419 -3.34 -9.92 -9.11
N HIS A 420 -2.65 -9.11 -8.31
CA HIS A 420 -1.20 -9.25 -8.13
C HIS A 420 -0.83 -10.19 -6.99
N TYR A 421 -1.73 -10.44 -6.05
CA TYR A 421 -1.39 -11.10 -4.80
C TYR A 421 -1.15 -12.58 -5.01
N GLY A 422 0.03 -13.05 -4.59
CA GLY A 422 0.37 -14.46 -4.68
C GLY A 422 0.13 -15.18 -3.37
N MET A 423 -0.94 -15.98 -3.31
CA MET A 423 -1.20 -16.80 -2.12
C MET A 423 -0.10 -17.84 -1.87
N ASP A 424 0.75 -18.11 -2.85
CA ASP A 424 1.80 -19.12 -2.77
C ASP A 424 3.19 -18.54 -3.01
N ASP A 425 3.39 -17.24 -2.79
CA ASP A 425 4.71 -16.67 -2.95
C ASP A 425 5.70 -17.35 -2.00
N LEU A 426 6.97 -17.29 -2.37
CA LEU A 426 8.03 -17.73 -1.49
C LEU A 426 9.06 -16.62 -1.37
N TRP A 427 10.01 -16.79 -0.46
CA TRP A 427 10.94 -15.74 -0.10
C TRP A 427 12.36 -16.31 -0.12
N ILE A 428 13.34 -15.48 -0.48
CA ILE A 428 14.72 -15.94 -0.67
C ILE A 428 15.60 -15.33 0.42
N ALA A 429 16.25 -16.21 1.21
CA ALA A 429 17.36 -15.78 2.06
C ALA A 429 18.47 -16.83 2.04
N LYS A 430 18.91 -17.27 3.22
CA LYS A 430 19.91 -18.34 3.28
C LYS A 430 19.46 -19.54 2.47
N THR A 431 18.19 -19.93 2.63
CA THR A 431 17.53 -20.85 1.70
C THR A 431 16.16 -20.28 1.35
N ILE A 432 15.30 -21.10 0.75
CA ILE A 432 13.95 -20.67 0.40
C ILE A 432 13.06 -20.80 1.63
N TYR A 433 12.22 -19.79 1.88
CA TYR A 433 11.31 -19.92 3.02
C TYR A 433 9.94 -19.37 2.66
N ARG A 434 9.00 -19.59 3.56
CA ARG A 434 7.62 -19.15 3.39
C ARG A 434 7.16 -18.38 4.62
N LEU A 435 6.23 -17.46 4.38
CA LEU A 435 5.55 -16.71 5.45
C LEU A 435 4.04 -16.96 5.33
N PRO A 436 3.53 -18.06 5.92
CA PRO A 436 2.10 -18.40 5.74
C PRO A 436 1.13 -17.34 6.21
N LEU A 437 1.55 -16.40 7.06
CA LEU A 437 0.62 -15.35 7.47
C LEU A 437 0.60 -14.20 6.48
N VAL A 438 1.60 -14.10 5.62
CA VAL A 438 1.59 -13.09 4.57
C VAL A 438 0.89 -13.62 3.31
N ASN A 439 1.25 -14.84 2.90
CA ASN A 439 0.80 -15.44 1.64
C ASN A 439 -0.02 -16.69 1.96
N ASN A 440 -1.34 -16.61 1.76
CA ASN A 440 -2.20 -17.75 2.07
C ASN A 440 -3.51 -17.57 1.33
N LYS A 441 -4.27 -18.67 1.27
CA LYS A 441 -5.54 -18.67 0.56
C LYS A 441 -6.63 -17.92 1.32
N VAL A 442 -6.50 -17.78 2.64
CA VAL A 442 -7.56 -17.18 3.44
C VAL A 442 -7.70 -15.70 3.11
N PHE A 443 -6.57 -14.98 3.01
CA PHE A 443 -6.60 -13.58 2.62
C PHE A 443 -7.27 -13.40 1.25
N LEU A 444 -6.91 -14.24 0.28
CA LEU A 444 -7.44 -14.04 -1.05
C LEU A 444 -8.90 -14.41 -1.09
N GLU A 445 -9.28 -15.51 -0.42
CA GLU A 445 -10.71 -15.84 -0.35
C GLU A 445 -11.50 -14.69 0.28
N LEU A 446 -11.00 -14.12 1.37
CA LEU A 446 -11.71 -13.03 2.01
C LEU A 446 -11.77 -11.82 1.09
N ALA A 447 -10.68 -11.56 0.36
CA ALA A 447 -10.64 -10.39 -0.50
C ALA A 447 -11.65 -10.52 -1.62
N ASN A 448 -11.80 -11.74 -2.18
CA ASN A 448 -12.79 -11.96 -3.24
C ASN A 448 -14.20 -11.85 -2.70
N ARG A 449 -14.45 -12.36 -1.48
CA ARG A 449 -15.80 -12.25 -0.91
C ARG A 449 -16.17 -10.80 -0.66
N TYR A 450 -15.23 -10.00 -0.18
CA TYR A 450 -15.56 -8.60 0.08
C TYR A 450 -15.75 -7.82 -1.22
N ALA A 451 -14.90 -8.11 -2.23
CA ALA A 451 -15.12 -7.55 -3.55
C ALA A 451 -16.52 -7.86 -4.05
N GLN A 452 -16.98 -9.12 -3.88
CA GLN A 452 -18.32 -9.49 -4.31
C GLN A 452 -19.39 -8.74 -3.52
N GLN A 453 -19.18 -8.59 -2.21
CA GLN A 453 -20.07 -7.80 -1.38
C GLN A 453 -20.18 -6.36 -1.87
N CYS A 454 -19.08 -5.80 -2.38
CA CYS A 454 -19.07 -4.43 -2.89
C CYS A 454 -19.93 -4.28 -4.14
N GLN A 455 -20.11 -5.35 -4.92
CA GLN A 455 -20.92 -5.31 -6.14
C GLN A 455 -22.38 -5.55 -5.87
N LEU A 456 -22.71 -6.26 -4.79
CA LEU A 456 -24.07 -6.75 -4.58
C LEU A 456 -25.11 -5.62 -4.58
N TYR A 457 -24.77 -4.45 -4.03
CA TYR A 457 -25.74 -3.38 -3.94
C TYR A 457 -25.78 -2.49 -5.18
N GLN A 458 -24.90 -2.71 -6.13
CA GLN A 458 -24.84 -1.75 -7.23
C GLN A 458 -26.03 -1.83 -8.19
N PRO A 459 -26.55 -3.02 -8.55
CA PRO A 459 -27.74 -3.04 -9.43
C PRO A 459 -28.90 -2.21 -8.91
N ALA A 460 -29.29 -2.40 -7.65
CA ALA A 460 -30.43 -1.65 -7.13
C ALA A 460 -30.13 -0.16 -7.08
N GLU A 461 -28.91 0.22 -6.66
CA GLU A 461 -28.57 1.63 -6.55
C GLU A 461 -28.51 2.30 -7.91
N LEU A 462 -27.86 1.65 -8.89
CA LEU A 462 -27.85 2.20 -10.24
C LEU A 462 -29.25 2.24 -10.84
N THR A 463 -30.09 1.27 -10.48
CA THR A 463 -31.46 1.28 -11.02
C THR A 463 -32.26 2.44 -10.44
N LYS A 464 -32.08 2.71 -9.14
CA LYS A 464 -32.70 3.90 -8.58
C LYS A 464 -32.20 5.16 -9.27
N LEU A 465 -30.91 5.20 -9.61
CA LEU A 465 -30.36 6.43 -10.16
C LEU A 465 -30.80 6.64 -11.59
N VAL A 466 -30.91 5.55 -12.36
CA VAL A 466 -31.39 5.64 -13.74
C VAL A 466 -32.86 6.01 -13.76
N ASN A 467 -33.64 5.51 -12.79
CA ASN A 467 -35.05 5.85 -12.71
C ASN A 467 -35.24 7.31 -12.29
N TRP A 468 -34.42 7.77 -11.35
CA TRP A 468 -34.44 9.19 -10.99
C TRP A 468 -34.07 10.08 -12.18
N TRP A 469 -33.13 9.64 -13.02
CA TRP A 469 -32.75 10.41 -14.19
C TRP A 469 -33.93 10.56 -15.14
N HIS A 470 -34.67 9.46 -15.35
CA HIS A 470 -35.78 9.48 -16.29
C HIS A 470 -36.95 10.28 -15.76
N SER A 471 -37.32 10.05 -14.49
CA SER A 471 -38.46 10.74 -13.91
C SER A 471 -38.18 12.20 -13.60
N SER A 472 -36.90 12.61 -13.58
CA SER A 472 -36.56 14.02 -13.43
C SER A 472 -36.62 14.77 -14.75
N ARG A 473 -36.77 14.06 -15.87
CA ARG A 473 -36.95 14.66 -17.19
C ARG A 473 -35.72 15.44 -17.64
N PHE A 474 -34.53 15.01 -17.22
CA PHE A 474 -33.29 15.60 -17.74
C PHE A 474 -33.19 15.44 -19.25
N GLU A 475 -33.75 14.38 -19.81
CA GLU A 475 -33.74 14.16 -21.25
C GLU A 475 -34.46 15.26 -22.04
N ASP A 476 -35.12 16.20 -21.36
CA ASP A 476 -35.93 17.22 -22.02
C ASP A 476 -35.30 18.61 -21.99
N ILE A 477 -33.99 18.70 -21.80
CA ILE A 477 -33.28 19.96 -21.99
C ILE A 477 -32.21 19.80 -23.07
N ASN A 485 -25.57 12.14 -22.26
CA ASN A 485 -25.72 12.96 -21.06
C ASN A 485 -25.83 12.11 -19.80
N ILE A 486 -26.68 11.07 -19.83
CA ILE A 486 -26.76 10.12 -18.72
C ILE A 486 -25.49 9.32 -18.55
N ASP A 487 -24.57 9.38 -19.50
CA ASP A 487 -23.29 8.68 -19.38
C ASP A 487 -22.43 9.23 -18.24
N MET A 488 -22.73 10.45 -17.77
CA MET A 488 -22.02 10.99 -16.61
C MET A 488 -22.29 10.16 -15.35
N LEU A 489 -23.46 9.50 -15.29
CA LEU A 489 -23.87 8.78 -14.09
C LEU A 489 -22.95 7.62 -13.74
N PRO A 490 -22.64 6.68 -14.64
CA PRO A 490 -21.79 5.56 -14.22
C PRO A 490 -20.45 5.99 -13.67
N TYR A 491 -19.84 7.05 -14.20
CA TYR A 491 -18.52 7.45 -13.70
C TYR A 491 -18.62 8.01 -12.29
N ILE A 492 -19.62 8.85 -12.04
CA ILE A 492 -19.85 9.39 -10.72
C ILE A 492 -20.09 8.27 -9.71
N TYR A 493 -20.91 7.28 -10.10
CA TYR A 493 -21.21 6.19 -9.18
C TYR A 493 -19.99 5.29 -8.99
N TYR A 494 -19.19 5.14 -10.03
CA TYR A 494 -17.96 4.38 -9.94
C TYR A 494 -17.04 4.93 -8.86
N VAL A 495 -16.81 6.25 -8.86
CA VAL A 495 -15.80 6.77 -7.93
C VAL A 495 -16.35 6.78 -6.50
N ILE A 496 -17.65 7.00 -6.31
CA ILE A 496 -18.16 7.01 -4.94
C ILE A 496 -18.22 5.58 -4.40
N CYS A 497 -18.43 4.58 -5.27
CA CYS A 497 -18.34 3.18 -4.86
C CYS A 497 -16.92 2.82 -4.43
N ALA A 498 -15.93 3.37 -5.13
CA ALA A 498 -14.54 3.03 -4.84
C ALA A 498 -14.07 3.60 -3.50
N THR A 499 -14.66 4.70 -3.04
CA THR A 499 -14.24 5.35 -1.81
C THR A 499 -15.13 5.00 -0.61
N PHE A 500 -16.44 4.92 -0.80
CA PHE A 500 -17.34 4.59 0.31
C PHE A 500 -18.03 3.29 -0.04
N HIS A 501 -17.28 2.20 0.13
CA HIS A 501 -17.65 0.90 -0.42
C HIS A 501 -18.43 0.05 0.58
N GLU A 502 -18.35 0.35 1.87
CA GLU A 502 -19.12 -0.41 2.85
C GLU A 502 -20.60 -0.26 2.55
N GLN A 503 -21.36 -1.33 2.77
CA GLN A 503 -22.75 -1.29 2.32
C GLN A 503 -23.56 -0.28 3.12
N GLU A 504 -23.13 0.09 4.32
CA GLU A 504 -23.90 1.03 5.13
C GLU A 504 -23.98 2.41 4.51
N PHE A 505 -23.16 2.74 3.51
CA PHE A 505 -23.14 4.05 2.88
C PHE A 505 -24.06 4.16 1.66
N ALA A 506 -25.10 3.33 1.59
CA ALA A 506 -25.99 3.33 0.43
C ALA A 506 -26.60 4.70 0.17
N GLN A 507 -27.16 5.34 1.21
CA GLN A 507 -27.78 6.64 1.01
C GLN A 507 -26.76 7.69 0.58
N LEU A 508 -25.56 7.65 1.17
CA LEU A 508 -24.51 8.58 0.77
C LEU A 508 -24.18 8.43 -0.71
N ARG A 509 -23.94 7.19 -1.15
CA ARG A 509 -23.59 6.95 -2.55
C ARG A 509 -24.67 7.48 -3.49
N VAL A 510 -25.94 7.29 -3.13
CA VAL A 510 -27.02 7.72 -4.03
C VAL A 510 -27.21 9.23 -3.97
N PHE A 511 -27.23 9.80 -2.77
CA PHE A 511 -27.38 11.25 -2.66
C PHE A 511 -26.18 11.99 -3.23
N PHE A 512 -24.98 11.42 -3.09
CA PHE A 512 -23.80 11.98 -3.74
C PHE A 512 -23.94 11.96 -5.26
N SER A 513 -24.36 10.82 -5.81
CA SER A 513 -24.49 10.72 -7.26
C SER A 513 -25.53 11.70 -7.80
N LYS A 514 -26.67 11.80 -7.11
CA LYS A 514 -27.70 12.78 -7.49
C LYS A 514 -27.13 14.20 -7.47
N ALA A 515 -26.43 14.57 -6.39
CA ALA A 515 -25.90 15.93 -6.27
C ALA A 515 -24.87 16.23 -7.35
N CYS A 516 -23.92 15.31 -7.60
CA CYS A 516 -22.94 15.53 -8.65
C CYS A 516 -23.60 15.68 -10.01
N CYS A 517 -24.59 14.83 -10.31
CA CYS A 517 -25.32 14.93 -11.57
C CYS A 517 -25.97 16.29 -11.75
N LEU A 518 -26.73 16.72 -10.73
CA LEU A 518 -27.39 18.02 -10.74
C LEU A 518 -26.38 19.15 -11.01
N ASN A 519 -25.27 19.18 -10.27
CA ASN A 519 -24.35 20.29 -10.43
C ASN A 519 -23.63 20.21 -11.78
N THR A 520 -23.31 18.99 -12.24
CA THR A 520 -22.75 18.86 -13.59
C THR A 520 -23.70 19.44 -14.62
N LEU A 521 -24.99 19.11 -14.51
CA LEU A 521 -26.00 19.62 -15.44
C LEU A 521 -26.10 21.14 -15.35
N PHE A 522 -26.20 21.66 -14.13
CA PHE A 522 -26.31 23.11 -13.96
C PHE A 522 -25.09 23.81 -14.52
N ASP A 523 -23.88 23.30 -14.20
CA ASP A 523 -22.68 24.00 -14.61
C ASP A 523 -22.46 23.90 -16.11
N ASP A 524 -22.88 22.80 -16.72
CA ASP A 524 -22.72 22.70 -18.17
C ASP A 524 -23.69 23.64 -18.89
N LEU A 525 -24.83 23.94 -18.27
CA LEU A 525 -25.72 24.96 -18.82
C LEU A 525 -25.18 26.36 -18.57
N MET A 526 -24.71 26.62 -17.35
CA MET A 526 -24.19 27.95 -17.03
C MET A 526 -22.96 28.29 -17.88
N ASP A 527 -22.15 27.30 -18.24
CA ASP A 527 -21.00 27.55 -19.09
C ASP A 527 -21.38 27.78 -20.54
N CYS A 528 -22.64 27.52 -20.91
CA CYS A 528 -23.16 27.82 -22.23
C CYS A 528 -23.89 29.15 -22.29
N ALA A 529 -24.04 29.83 -21.14
CA ALA A 529 -24.92 30.99 -20.98
C ALA A 529 -24.75 31.99 -22.11
N THR A 530 -25.80 32.17 -22.90
CA THR A 530 -25.78 33.12 -24.01
C THR A 530 -25.35 34.51 -23.54
N SER A 531 -26.02 35.03 -22.51
CA SER A 531 -25.64 36.33 -21.97
C SER A 531 -26.19 36.51 -20.56
N ILE A 532 -25.73 37.59 -19.92
CA ILE A 532 -25.69 37.71 -18.47
C ILE A 532 -27.05 37.86 -17.82
N GLU A 533 -28.04 38.39 -18.54
CA GLU A 533 -29.28 38.71 -17.87
C GLU A 533 -30.04 37.45 -17.48
N GLU A 534 -29.91 36.38 -18.26
CA GLU A 534 -30.45 35.08 -17.84
C GLU A 534 -29.78 34.61 -16.56
N LEU A 535 -28.48 34.88 -16.40
CA LEU A 535 -27.79 34.51 -15.17
C LEU A 535 -28.35 35.26 -13.97
N ASP A 536 -28.54 36.57 -14.12
CA ASP A 536 -29.10 37.35 -13.02
C ASP A 536 -30.53 36.92 -12.71
N ARG A 537 -31.30 36.54 -13.73
CA ARG A 537 -32.61 35.93 -13.50
C ARG A 537 -32.48 34.65 -12.67
N LEU A 538 -31.58 33.75 -13.09
CA LEU A 538 -31.34 32.53 -12.34
C LEU A 538 -30.93 32.83 -10.90
N GLN A 539 -29.99 33.76 -10.73
CA GLN A 539 -29.44 34.01 -9.40
C GLN A 539 -30.53 34.43 -8.41
N ASN A 540 -31.46 35.27 -8.85
CA ASN A 540 -32.51 35.73 -7.96
C ASN A 540 -33.39 34.57 -7.49
N VAL A 541 -33.77 33.67 -8.40
CA VAL A 541 -34.58 32.52 -8.00
C VAL A 541 -33.80 31.63 -7.04
N ILE A 542 -32.51 31.41 -7.32
CA ILE A 542 -31.69 30.57 -6.44
C ILE A 542 -31.59 31.22 -5.06
N GLU A 543 -31.37 32.54 -5.01
CA GLU A 543 -31.17 33.20 -3.74
C GLU A 543 -32.39 33.05 -2.84
N LYS A 544 -33.58 33.21 -3.39
CA LYS A 544 -34.80 32.96 -2.64
C LYS A 544 -35.15 31.49 -2.52
N TRP A 545 -34.47 30.62 -3.28
CA TRP A 545 -34.75 29.18 -3.31
C TRP A 545 -36.26 28.91 -3.27
N ASP A 546 -36.97 29.54 -4.21
CA ASP A 546 -38.43 29.55 -4.21
C ASP A 546 -38.90 28.84 -5.46
N ILE A 547 -39.47 27.64 -5.29
CA ILE A 547 -39.88 26.85 -6.44
C ILE A 547 -41.01 27.53 -7.20
N SER A 548 -41.76 28.43 -6.57
CA SER A 548 -42.85 29.12 -7.24
C SER A 548 -42.37 30.17 -8.23
N LEU A 549 -41.08 30.44 -8.29
CA LEU A 549 -40.53 31.39 -9.25
C LEU A 549 -39.90 30.69 -10.45
N SER A 550 -40.03 29.38 -10.55
CA SER A 550 -39.34 28.65 -11.60
C SER A 550 -39.83 29.04 -13.00
N HIS A 551 -41.04 29.60 -13.10
CA HIS A 551 -41.51 30.10 -14.39
C HIS A 551 -40.71 31.31 -14.84
N GLU A 552 -40.13 32.06 -13.90
CA GLU A 552 -39.30 33.20 -14.26
C GLU A 552 -37.94 32.80 -14.81
N LEU A 553 -37.53 31.54 -14.64
CA LEU A 553 -36.24 31.10 -15.16
C LEU A 553 -36.31 30.91 -16.67
N PRO A 554 -35.21 31.14 -17.38
CA PRO A 554 -35.08 30.60 -18.74
C PRO A 554 -35.33 29.10 -18.71
N LEU A 555 -36.13 28.62 -19.67
CA LEU A 555 -36.73 27.29 -19.51
C LEU A 555 -35.71 26.16 -19.44
N GLU A 556 -34.47 26.39 -19.88
CA GLU A 556 -33.46 25.33 -19.80
C GLU A 556 -33.00 25.10 -18.37
N TYR A 557 -33.17 26.07 -17.48
CA TYR A 557 -32.83 25.90 -16.07
C TYR A 557 -33.99 25.45 -15.22
N ARG A 558 -35.21 25.42 -15.76
CA ARG A 558 -36.36 25.05 -14.94
C ARG A 558 -36.30 23.57 -14.57
N ILE A 559 -35.96 22.71 -15.52
CA ILE A 559 -35.85 21.28 -15.26
C ILE A 559 -34.82 21.01 -14.17
N PRO A 560 -33.56 21.44 -14.31
CA PRO A 560 -32.59 21.13 -13.25
C PRO A 560 -32.94 21.77 -11.92
N PHE A 561 -33.47 23.00 -11.91
CA PHE A 561 -33.72 23.65 -10.63
C PHE A 561 -34.85 22.97 -9.89
N GLN A 562 -35.91 22.62 -10.61
CA GLN A 562 -37.01 21.88 -10.01
C GLN A 562 -36.52 20.57 -9.39
N GLU A 563 -35.65 19.84 -10.09
CA GLU A 563 -35.12 18.62 -9.47
C GLU A 563 -34.15 18.96 -8.34
N PHE A 564 -33.31 19.97 -8.52
CA PHE A 564 -32.44 20.41 -7.42
C PHE A 564 -33.27 20.70 -6.18
N TYR A 565 -34.35 21.46 -6.35
CA TYR A 565 -35.24 21.81 -5.24
C TYR A 565 -35.87 20.55 -4.63
N ASN A 566 -36.36 19.64 -5.47
CA ASN A 566 -36.98 18.41 -4.97
C ASN A 566 -35.97 17.53 -4.23
N THR A 567 -34.76 17.36 -4.80
CA THR A 567 -33.79 16.48 -4.15
C THR A 567 -33.41 17.02 -2.79
N VAL A 568 -33.36 18.34 -2.63
CA VAL A 568 -33.12 18.93 -1.32
C VAL A 568 -34.20 18.53 -0.32
N LEU A 569 -35.47 18.51 -0.77
CA LEU A 569 -36.54 18.05 0.12
C LEU A 569 -36.35 16.59 0.51
N VAL A 570 -36.01 15.74 -0.46
CA VAL A 570 -35.79 14.32 -0.19
C VAL A 570 -34.61 14.13 0.75
N MET A 571 -33.48 14.79 0.44
CA MET A 571 -32.31 14.78 1.32
C MET A 571 -32.67 15.21 2.73
N THR A 572 -33.51 16.24 2.83
CA THR A 572 -33.89 16.78 4.13
C THR A 572 -34.72 15.78 4.92
N GLU A 573 -35.68 15.13 4.26
CA GLU A 573 -36.45 14.06 4.91
C GLU A 573 -35.52 12.98 5.44
N ALA A 574 -34.60 12.50 4.59
CA ALA A 574 -33.74 11.39 4.98
C ALA A 574 -32.81 11.76 6.12
N ALA A 575 -32.19 12.94 6.05
CA ALA A 575 -31.24 13.34 7.07
C ALA A 575 -31.94 13.61 8.41
N SER A 576 -33.17 14.13 8.38
CA SER A 576 -33.85 14.37 9.64
C SER A 576 -34.26 13.06 10.31
N LYS A 577 -34.50 12.00 9.53
CA LYS A 577 -34.76 10.70 10.14
C LYS A 577 -33.51 10.16 10.84
N ILE A 578 -32.32 10.50 10.33
CA ILE A 578 -31.09 10.03 10.96
C ILE A 578 -30.74 10.88 12.17
N HIS A 579 -30.86 12.19 12.07
CA HIS A 579 -30.38 13.13 13.09
C HIS A 579 -31.56 13.73 13.85
N LYS A 580 -32.06 12.99 14.84
CA LYS A 580 -33.21 13.45 15.62
C LYS A 580 -32.92 14.74 16.38
N ASN A 581 -31.66 15.01 16.71
CA ASN A 581 -31.29 16.26 17.36
C ASN A 581 -31.32 17.46 16.44
N LEU A 582 -31.48 17.26 15.14
CA LEU A 582 -31.54 18.35 14.18
C LEU A 582 -32.97 18.54 13.68
N SER A 583 -33.40 19.77 13.60
CA SER A 583 -34.73 19.97 13.07
C SER A 583 -34.73 19.89 11.54
N PRO A 584 -35.84 19.45 10.94
CA PRO A 584 -35.93 19.49 9.46
C PRO A 584 -35.76 20.88 8.91
N GLU A 585 -36.29 21.91 9.60
CA GLU A 585 -36.07 23.27 9.13
C GLU A 585 -34.58 23.60 9.11
N PHE A 586 -33.86 23.23 10.17
CA PHE A 586 -32.42 23.49 10.21
C PHE A 586 -31.71 22.82 9.04
N ILE A 587 -32.04 21.55 8.79
CA ILE A 587 -31.37 20.81 7.74
C ILE A 587 -31.71 21.39 6.38
N CYS A 588 -33.00 21.70 6.15
CA CYS A 588 -33.42 22.22 4.86
C CYS A 588 -32.73 23.55 4.54
N LYS A 589 -32.67 24.46 5.53
CA LYS A 589 -31.95 25.72 5.34
C LYS A 589 -30.46 25.48 5.09
N TYR A 590 -29.87 24.51 5.78
CA TYR A 590 -28.46 24.20 5.57
C TYR A 590 -28.21 23.76 4.14
N LEU A 591 -29.03 22.83 3.63
CA LEU A 591 -28.82 22.29 2.30
C LEU A 591 -29.10 23.32 1.22
N SER A 592 -30.24 24.01 1.30
CA SER A 592 -30.51 25.05 0.30
C SER A 592 -29.50 26.19 0.42
N GLY A 593 -28.98 26.44 1.62
CA GLY A 593 -27.89 27.37 1.83
C GLY A 593 -26.66 27.01 1.02
N ILE A 594 -26.11 25.80 1.18
CA ILE A 594 -24.87 25.46 0.49
C ILE A 594 -25.05 25.42 -1.02
N TYR A 595 -26.20 24.94 -1.51
CA TYR A 595 -26.39 24.89 -2.96
C TYR A 595 -26.59 26.28 -3.53
N THR A 596 -27.19 27.18 -2.76
CA THR A 596 -27.27 28.58 -3.18
C THR A 596 -25.88 29.18 -3.36
N LYS A 597 -25.05 29.09 -2.31
CA LYS A 597 -23.69 29.57 -2.36
C LYS A 597 -22.91 28.98 -3.51
N LEU A 598 -23.09 27.68 -3.77
CA LEU A 598 -22.38 27.04 -4.87
C LEU A 598 -22.82 27.61 -6.21
N ILE A 599 -24.13 27.60 -6.48
CA ILE A 599 -24.60 28.02 -7.80
C ILE A 599 -24.28 29.50 -8.02
N LYS A 600 -24.27 30.30 -6.95
CA LYS A 600 -23.92 31.71 -7.06
C LYS A 600 -22.48 31.90 -7.53
N SER A 601 -21.55 31.13 -6.96
CA SER A 601 -20.16 31.25 -7.37
C SER A 601 -19.95 30.75 -8.80
N GLU A 602 -20.74 29.78 -9.25
CA GLU A 602 -20.62 29.31 -10.63
C GLU A 602 -21.19 30.35 -11.59
N ILE A 603 -22.28 31.00 -11.20
CA ILE A 603 -22.82 32.11 -11.98
C ILE A 603 -21.78 33.21 -12.11
N ALA A 604 -21.16 33.59 -10.99
CA ALA A 604 -20.14 34.63 -11.00
C ALA A 604 -19.04 34.35 -12.02
N ASP A 605 -18.59 33.10 -12.12
CA ASP A 605 -17.55 32.76 -13.10
C ASP A 605 -18.10 32.84 -14.52
N ALA A 606 -19.35 32.42 -14.71
CA ALA A 606 -19.97 32.57 -16.02
C ALA A 606 -20.14 34.03 -16.37
N ARG A 607 -20.52 34.84 -15.38
CA ARG A 607 -20.67 36.27 -15.61
C ARG A 607 -19.34 36.93 -15.93
N TRP A 608 -18.29 36.58 -15.19
CA TRP A 608 -16.97 37.15 -15.46
C TRP A 608 -16.52 36.87 -16.88
N LYS A 609 -16.71 35.64 -17.34
CA LYS A 609 -16.19 35.26 -18.65
C LYS A 609 -16.93 35.99 -19.76
N ILE A 610 -18.24 36.16 -19.63
CA ILE A 610 -18.97 36.94 -20.63
C ILE A 610 -18.55 38.40 -20.57
N GLU A 611 -18.29 38.92 -19.36
CA GLU A 611 -17.82 40.29 -19.22
C GLU A 611 -16.39 40.46 -19.72
N GLY A 612 -15.60 39.39 -19.71
CA GLY A 612 -14.17 39.51 -19.91
C GLY A 612 -13.40 40.05 -18.72
N TYR A 613 -14.04 40.09 -17.55
CA TYR A 613 -13.42 40.68 -16.37
C TYR A 613 -12.42 39.72 -15.75
N ILE A 614 -11.23 40.23 -15.44
CA ILE A 614 -10.14 39.43 -14.90
C ILE A 614 -9.78 40.00 -13.54
N PRO A 615 -10.21 39.36 -12.45
CA PRO A 615 -9.88 39.87 -11.12
C PRO A 615 -8.42 39.66 -10.77
N SER A 616 -7.99 40.13 -9.60
CA SER A 616 -6.70 39.74 -9.09
C SER A 616 -6.71 38.24 -8.75
N PHE A 617 -5.51 37.69 -8.52
CA PHE A 617 -5.46 36.25 -8.23
C PHE A 617 -6.12 35.94 -6.90
N GLU A 618 -5.93 36.79 -5.90
CA GLU A 618 -6.62 36.62 -4.63
C GLU A 618 -8.13 36.75 -4.82
N GLU A 619 -8.55 37.66 -5.69
CA GLU A 619 -9.99 37.83 -5.91
C GLU A 619 -10.55 36.67 -6.70
N TYR A 620 -9.81 36.18 -7.70
CA TYR A 620 -10.24 35.01 -8.45
C TYR A 620 -10.40 33.81 -7.54
N MET A 621 -9.41 33.55 -6.68
CA MET A 621 -9.44 32.37 -5.84
C MET A 621 -10.54 32.46 -4.79
N GLU A 622 -10.92 33.67 -4.38
CA GLU A 622 -12.00 33.82 -3.43
C GLU A 622 -13.31 33.25 -3.96
N ASN A 623 -13.51 33.31 -5.27
CA ASN A 623 -14.69 32.74 -5.90
C ASN A 623 -14.47 31.35 -6.46
N ALA A 624 -13.30 31.10 -7.08
CA ALA A 624 -13.07 29.85 -7.77
C ALA A 624 -12.85 28.68 -6.80
N GLU A 625 -12.42 28.97 -5.57
CA GLU A 625 -12.41 27.96 -4.51
C GLU A 625 -13.81 27.51 -4.16
N VAL A 626 -14.80 28.39 -4.31
CA VAL A 626 -16.18 27.98 -4.08
C VAL A 626 -16.73 27.26 -5.29
N SER A 627 -16.50 27.79 -6.48
CA SER A 627 -17.12 27.26 -7.70
C SER A 627 -16.58 25.89 -8.10
N ILE A 628 -15.46 25.45 -7.52
CA ILE A 628 -14.93 24.13 -7.83
C ILE A 628 -15.83 23.00 -7.30
N SER A 629 -16.78 23.32 -6.41
CA SER A 629 -17.94 22.46 -6.09
C SER A 629 -17.68 21.30 -5.13
N THR A 630 -16.46 20.79 -5.04
CA THR A 630 -16.22 19.60 -4.24
C THR A 630 -16.69 19.75 -2.79
N TRP A 631 -16.54 20.95 -2.22
CA TRP A 631 -16.91 21.16 -0.82
C TRP A 631 -18.41 20.99 -0.60
N VAL A 632 -19.22 21.22 -1.63
CA VAL A 632 -20.66 21.13 -1.47
C VAL A 632 -21.08 19.67 -1.34
N HIS A 633 -20.30 18.76 -1.92
CA HIS A 633 -20.63 17.36 -1.77
C HIS A 633 -20.12 16.85 -0.44
N VAL A 634 -19.06 17.47 0.10
CA VAL A 634 -18.65 17.14 1.46
C VAL A 634 -19.73 17.56 2.45
N LEU A 635 -20.21 18.80 2.34
CA LEU A 635 -21.12 19.31 3.37
C LEU A 635 -22.48 18.64 3.32
N MET A 636 -22.90 18.19 2.14
CA MET A 636 -24.12 17.38 2.05
C MET A 636 -23.89 15.96 2.54
N SER A 637 -22.84 15.29 2.06
CA SER A 637 -22.66 13.87 2.37
C SER A 637 -22.37 13.61 3.84
N ILE A 638 -21.90 14.60 4.61
CA ILE A 638 -21.67 14.34 6.03
C ILE A 638 -22.98 14.04 6.74
N LEU A 639 -24.12 14.42 6.16
CA LEU A 639 -25.41 14.06 6.74
C LEU A 639 -25.62 12.55 6.72
N PHE A 640 -24.87 11.82 5.90
CA PHE A 640 -25.13 10.41 5.66
C PHE A 640 -23.89 9.57 5.87
N CYS A 641 -22.88 10.09 6.55
CA CYS A 641 -21.63 9.34 6.70
C CYS A 641 -21.54 8.62 8.04
N GLY A 642 -22.64 8.57 8.79
CA GLY A 642 -22.70 7.75 10.00
C GLY A 642 -22.21 8.42 11.26
N GLU A 643 -22.09 9.70 11.27
CA GLU A 643 -21.55 10.36 12.43
C GLU A 643 -22.60 11.22 13.10
N PRO A 644 -22.59 11.29 14.43
CA PRO A 644 -23.49 12.23 15.12
C PRO A 644 -23.11 13.64 14.75
N LEU A 645 -24.10 14.51 14.66
CA LEU A 645 -23.86 15.86 14.21
C LEU A 645 -24.50 16.83 15.19
N THR A 646 -24.03 18.08 15.13
CA THR A 646 -24.61 19.15 15.91
C THR A 646 -24.74 20.38 15.02
N GLU A 647 -25.54 21.34 15.47
CA GLU A 647 -25.68 22.57 14.69
C GLU A 647 -24.34 23.33 14.62
N GLU A 648 -23.55 23.30 15.69
CA GLU A 648 -22.25 23.97 15.66
C GLU A 648 -21.35 23.36 14.59
N ILE A 649 -21.34 22.04 14.47
CA ILE A 649 -20.55 21.40 13.41
C ILE A 649 -21.01 21.90 12.05
N LEU A 650 -22.32 21.86 11.82
CA LEU A 650 -22.86 22.28 10.52
C LEU A 650 -22.60 23.75 10.25
N ASN A 651 -22.61 24.59 11.28
CA ASN A 651 -22.36 26.02 11.10
C ASN A 651 -20.90 26.35 10.85
N THR A 652 -19.98 25.51 11.30
CA THR A 652 -18.56 25.84 11.27
C THR A 652 -17.75 24.98 10.33
N ILE A 653 -18.32 23.96 9.71
CA ILE A 653 -17.50 23.04 8.93
C ILE A 653 -17.04 23.66 7.61
N TYR A 654 -17.84 24.56 7.01
CA TYR A 654 -17.40 25.17 5.76
C TYR A 654 -16.07 25.90 5.92
N ASP A 655 -15.86 26.56 7.06
CA ASP A 655 -14.63 27.31 7.30
C ASP A 655 -13.55 26.49 7.98
N SER A 656 -13.78 25.21 8.25
CA SER A 656 -12.73 24.44 8.90
C SER A 656 -11.53 24.30 7.96
N ARG A 657 -10.37 24.07 8.58
CA ARG A 657 -9.13 23.95 7.82
C ARG A 657 -9.17 22.81 6.80
N PRO A 658 -9.68 21.61 7.10
CA PRO A 658 -9.72 20.57 6.06
C PRO A 658 -10.57 20.93 4.84
N LEU A 659 -11.68 21.67 5.03
CA LEU A 659 -12.52 22.04 3.89
C LEU A 659 -11.86 23.11 3.03
N LYS A 660 -11.20 24.07 3.68
CA LYS A 660 -10.42 25.06 2.95
C LYS A 660 -9.34 24.39 2.11
N LEU A 661 -8.59 23.44 2.70
CA LEU A 661 -7.54 22.77 1.96
C LEU A 661 -8.13 22.00 0.77
N ASP A 662 -9.27 21.36 0.98
CA ASP A 662 -10.00 20.70 -0.09
C ASP A 662 -10.26 21.66 -1.25
N ARG A 663 -10.89 22.81 -0.96
CA ARG A 663 -11.25 23.74 -2.01
C ARG A 663 -10.00 24.23 -2.75
N ILE A 664 -8.92 24.49 -2.01
CA ILE A 664 -7.70 24.98 -2.66
C ILE A 664 -7.12 23.89 -3.55
N ILE A 665 -6.94 22.68 -3.02
CA ILE A 665 -6.32 21.60 -3.79
C ILE A 665 -7.08 21.36 -5.09
N CYS A 666 -8.40 21.26 -5.00
CA CYS A 666 -9.18 20.89 -6.18
C CYS A 666 -9.21 22.01 -7.23
N ARG A 667 -9.20 23.27 -6.80
CA ARG A 667 -9.15 24.35 -7.78
C ARG A 667 -7.81 24.38 -8.51
N LEU A 668 -6.71 24.36 -7.76
CA LEU A 668 -5.39 24.34 -8.38
C LEU A 668 -5.26 23.19 -9.37
N CYS A 669 -5.68 21.99 -8.98
CA CYS A 669 -5.55 20.86 -9.88
C CYS A 669 -6.41 21.05 -11.12
N ASN A 670 -7.64 21.57 -10.95
CA ASN A 670 -8.50 21.81 -12.10
C ASN A 670 -7.86 22.81 -13.06
N ASP A 671 -7.35 23.92 -12.52
CA ASP A 671 -6.82 24.98 -13.37
C ASP A 671 -5.52 24.56 -14.05
N ILE A 672 -4.71 23.74 -13.37
CA ILE A 672 -3.49 23.25 -13.99
C ILE A 672 -3.82 22.36 -15.19
N GLN A 673 -4.80 21.47 -15.05
CA GLN A 673 -5.18 20.60 -16.16
C GLN A 673 -6.00 21.35 -17.21
N THR A 674 -6.85 22.29 -16.79
CA THR A 674 -7.62 23.04 -17.76
C THR A 674 -6.74 23.87 -18.69
N TYR A 675 -5.60 24.37 -18.17
CA TYR A 675 -4.73 25.21 -18.99
C TYR A 675 -4.10 24.40 -20.12
N LYS A 676 -3.73 23.14 -19.84
CA LYS A 676 -3.17 22.31 -20.90
C LYS A 676 -4.16 22.13 -22.04
N ILE A 677 -5.44 22.00 -21.72
CA ILE A 677 -6.46 21.81 -22.75
C ILE A 677 -6.69 23.12 -23.50
N GLU A 678 -7.04 24.18 -22.77
CA GLU A 678 -7.25 25.48 -23.39
C GLU A 678 -6.00 25.99 -24.12
N MET A 679 -4.83 25.42 -23.84
CA MET A 679 -3.64 25.73 -24.65
C MET A 679 -3.86 25.32 -26.10
N LYS A 680 -4.26 24.06 -26.33
CA LYS A 680 -4.51 23.58 -27.68
C LYS A 680 -5.71 24.27 -28.33
N LEU A 681 -6.58 24.87 -27.54
CA LEU A 681 -7.59 25.78 -28.06
C LEU A 681 -7.00 27.19 -28.14
N GLY A 682 -7.70 28.07 -28.84
CA GLY A 682 -7.25 29.44 -28.81
C GLY A 682 -7.44 30.13 -27.47
N GLN A 683 -8.23 29.52 -26.56
CA GLN A 683 -8.72 30.34 -25.47
C GLN A 683 -7.74 30.36 -24.30
N PRO A 684 -7.68 31.49 -23.59
CA PRO A 684 -6.88 31.55 -22.37
C PRO A 684 -7.66 31.09 -21.15
N THR A 685 -6.98 30.34 -20.29
CA THR A 685 -7.58 29.90 -19.04
C THR A 685 -7.57 31.05 -18.03
N GLN A 686 -8.58 31.07 -17.17
CA GLN A 686 -8.78 32.19 -16.25
C GLN A 686 -7.90 32.11 -15.00
N GLY A 687 -7.37 30.93 -14.67
CA GLY A 687 -6.43 30.84 -13.56
C GLY A 687 -5.09 31.42 -13.91
N VAL A 688 -4.46 30.89 -14.96
CA VAL A 688 -3.18 31.45 -15.43
C VAL A 688 -3.33 32.92 -15.76
N SER A 689 -4.42 33.29 -16.44
CA SER A 689 -4.62 34.68 -16.85
C SER A 689 -4.66 35.60 -15.65
N CYS A 690 -5.44 35.23 -14.63
CA CYS A 690 -5.54 36.03 -13.42
C CYS A 690 -4.21 36.12 -12.70
N TYR A 691 -3.43 35.04 -12.73
CA TYR A 691 -2.11 35.07 -12.11
C TYR A 691 -1.19 36.03 -12.86
N MET A 692 -1.23 36.02 -14.20
CA MET A 692 -0.33 36.84 -14.99
C MET A 692 -0.66 38.33 -14.84
N LYS A 693 -1.94 38.69 -14.86
CA LYS A 693 -2.31 40.09 -14.64
C LYS A 693 -1.87 40.57 -13.27
N GLU A 694 -1.96 39.71 -12.26
CA GLU A 694 -1.48 40.06 -10.93
C GLU A 694 0.04 40.20 -10.91
N HIS A 695 0.75 39.29 -11.58
CA HIS A 695 2.21 39.33 -11.61
C HIS A 695 2.69 39.66 -13.02
N PRO A 696 2.75 40.94 -13.39
CA PRO A 696 2.93 41.32 -14.80
C PRO A 696 4.25 40.91 -15.43
N GLY A 697 5.08 40.15 -14.73
CA GLY A 697 6.28 39.65 -15.37
C GLY A 697 6.24 38.19 -15.80
N ALA A 698 5.19 37.47 -15.38
CA ALA A 698 5.23 36.01 -15.35
C ALA A 698 4.86 35.39 -16.69
N THR A 699 5.66 34.41 -17.12
CA THR A 699 5.17 33.62 -18.23
C THR A 699 3.97 32.78 -17.82
N GLU A 700 3.37 32.13 -18.81
CA GLU A 700 2.37 31.12 -18.51
C GLU A 700 2.99 29.92 -17.82
N GLU A 701 4.26 29.63 -18.09
CA GLU A 701 4.91 28.53 -17.39
C GLU A 701 5.25 28.90 -15.95
N ASP A 702 5.56 30.19 -15.69
CA ASP A 702 5.68 30.63 -14.30
C ASP A 702 4.38 30.38 -13.54
N ALA A 703 3.27 30.91 -14.05
CA ALA A 703 1.96 30.70 -13.42
C ALA A 703 1.76 29.22 -13.09
N LEU A 704 2.03 28.36 -14.07
CA LEU A 704 1.90 26.91 -13.86
C LEU A 704 2.80 26.44 -12.74
N VAL A 705 4.08 26.80 -12.80
CA VAL A 705 5.03 26.33 -11.79
C VAL A 705 4.58 26.77 -10.41
N TYR A 706 4.08 28.00 -10.30
CA TYR A 706 3.58 28.49 -9.03
C TYR A 706 2.36 27.70 -8.57
N LEU A 707 1.44 27.41 -9.48
CA LEU A 707 0.25 26.66 -9.11
C LEU A 707 0.61 25.24 -8.72
N GLN A 708 1.55 24.64 -9.44
CA GLN A 708 1.97 23.28 -9.12
C GLN A 708 2.62 23.23 -7.76
N SER A 709 3.44 24.25 -7.43
CA SER A 709 4.10 24.31 -6.13
C SER A 709 3.09 24.53 -5.02
N LEU A 710 2.14 25.45 -5.23
CA LEU A 710 1.09 25.64 -4.23
C LEU A 710 0.26 24.36 -4.07
N LEU A 711 -0.01 23.65 -5.17
CA LEU A 711 -0.74 22.40 -5.08
C LEU A 711 0.01 21.40 -4.18
N GLU A 712 1.31 21.21 -4.43
CA GLU A 712 2.05 20.21 -3.67
C GLU A 712 2.19 20.62 -2.20
N LYS A 713 2.36 21.91 -1.93
CA LYS A 713 2.42 22.37 -0.55
C LYS A 713 1.10 22.15 0.17
N THR A 714 -0.02 22.36 -0.52
CA THR A 714 -1.32 22.23 0.14
C THR A 714 -1.68 20.77 0.36
N LYS A 715 -1.27 19.89 -0.54
CA LYS A 715 -1.47 18.45 -0.32
C LYS A 715 -0.74 17.99 0.94
N ARG A 716 0.44 18.55 1.22
CA ARG A 716 1.14 18.12 2.43
C ARG A 716 0.38 18.57 3.66
N GLU A 717 -0.20 19.77 3.62
CA GLU A 717 -1.01 20.26 4.72
C GLU A 717 -2.24 19.39 4.91
N LEU A 718 -2.82 18.92 3.80
CA LEU A 718 -3.99 18.03 3.89
C LEU A 718 -3.63 16.72 4.56
N ASN A 719 -2.47 16.13 4.20
CA ASN A 719 -2.02 14.89 4.84
C ASN A 719 -1.93 15.05 6.35
N GLU A 720 -1.28 16.14 6.77
CA GLU A 720 -1.05 16.43 8.21
C GLU A 720 -2.39 16.60 8.95
N SER A 721 -3.36 17.27 8.33
CA SER A 721 -4.65 17.49 8.97
C SER A 721 -5.46 16.20 9.01
N TYR A 722 -5.26 15.33 8.02
CA TYR A 722 -6.08 14.13 7.92
C TYR A 722 -5.55 12.99 8.79
N PHE A 723 -4.27 12.64 8.62
CA PHE A 723 -3.78 11.42 9.24
C PHE A 723 -3.60 11.57 10.74
N ILE A 724 -3.33 12.77 11.22
CA ILE A 724 -3.15 13.03 12.64
C ILE A 724 -4.49 13.47 13.23
N THR A 725 -4.83 12.94 14.40
CA THR A 725 -6.00 13.41 15.14
C THR A 725 -5.61 14.64 15.95
N HIS A 726 -6.24 15.76 15.65
CA HIS A 726 -5.97 16.99 16.39
C HIS A 726 -7.07 17.20 17.42
N GLU A 727 -6.84 18.19 18.29
CA GLU A 727 -7.81 18.56 19.35
C GLU A 727 -9.02 19.24 18.68
N ASN A 728 -10.23 18.84 19.06
CA ASN A 728 -11.44 19.40 18.45
C ASN A 728 -11.45 19.15 16.95
N ASP A 729 -10.96 17.99 16.54
CA ASP A 729 -10.97 17.58 15.16
C ASP A 729 -12.39 17.22 14.71
N LEU A 730 -12.60 17.26 13.40
CA LEU A 730 -13.84 16.75 12.82
C LEU A 730 -13.98 15.25 13.14
N PRO A 731 -15.21 14.73 13.15
CA PRO A 731 -15.40 13.28 13.34
C PRO A 731 -14.75 12.49 12.22
N LYS A 732 -14.39 11.23 12.53
CA LYS A 732 -13.53 10.44 11.64
C LYS A 732 -14.12 10.32 10.24
N ASN A 733 -15.40 9.96 10.13
CA ASN A 733 -15.93 9.76 8.78
C ASN A 733 -16.06 11.05 8.00
N ILE A 734 -16.16 12.20 8.68
CA ILE A 734 -16.19 13.47 7.97
C ILE A 734 -14.81 13.80 7.42
N LYS A 735 -13.76 13.58 8.23
CA LYS A 735 -12.41 13.74 7.69
C LYS A 735 -12.18 12.77 6.52
N ARG A 736 -12.61 11.51 6.67
CA ARG A 736 -12.47 10.56 5.58
C ARG A 736 -13.16 11.04 4.32
N PHE A 737 -14.39 11.55 4.44
CA PHE A 737 -15.09 11.98 3.22
C PHE A 737 -14.37 13.15 2.56
N ASN A 738 -14.00 14.16 3.34
CA ASN A 738 -13.27 15.28 2.77
C ASN A 738 -12.01 14.82 2.06
N PHE A 739 -11.26 13.90 2.67
CA PHE A 739 -10.03 13.44 2.04
C PHE A 739 -10.32 12.69 0.75
N GLU A 740 -11.33 11.81 0.76
CA GLU A 740 -11.66 11.07 -0.44
C GLU A 740 -12.30 11.94 -1.51
N MET A 741 -12.96 13.03 -1.12
CA MET A 741 -13.47 13.94 -2.14
C MET A 741 -12.33 14.54 -2.94
N VAL A 742 -11.25 14.95 -2.25
CA VAL A 742 -10.06 15.43 -2.94
C VAL A 742 -9.51 14.36 -3.88
N ARG A 743 -9.42 13.11 -3.40
CA ARG A 743 -8.88 12.06 -4.26
C ARG A 743 -9.79 11.75 -5.46
N MET A 744 -11.11 11.82 -5.26
CA MET A 744 -12.04 11.62 -6.38
C MET A 744 -11.88 12.72 -7.40
N MET A 745 -11.61 13.94 -6.95
CA MET A 745 -11.33 15.03 -7.88
C MET A 745 -10.01 14.81 -8.62
N LEU A 746 -8.97 14.41 -7.91
CA LEU A 746 -7.64 14.35 -8.52
C LEU A 746 -7.55 13.24 -9.55
N ILE A 747 -8.14 12.07 -9.25
CA ILE A 747 -8.11 11.00 -10.24
C ILE A 747 -8.91 11.36 -11.48
N THR A 748 -9.96 12.18 -11.32
CA THR A 748 -10.78 12.56 -12.47
C THR A 748 -10.01 13.44 -13.45
N TYR A 749 -9.11 14.28 -12.94
CA TYR A 749 -8.30 15.16 -13.77
C TYR A 749 -6.90 14.61 -14.04
N ASN A 750 -6.53 13.48 -13.45
CA ASN A 750 -5.31 12.79 -13.88
C ASN A 750 -5.57 12.22 -15.26
N GLU A 751 -5.02 12.83 -16.29
CA GLU A 751 -5.40 12.38 -17.63
C GLU A 751 -4.57 11.19 -18.10
N THR A 752 -3.48 10.83 -17.41
CA THR A 752 -2.91 9.50 -17.61
C THR A 752 -3.93 8.41 -17.29
N ARG A 753 -4.63 8.56 -16.16
CA ARG A 753 -5.52 7.52 -15.69
C ARG A 753 -6.80 7.45 -16.51
N GLN A 754 -7.40 8.61 -16.81
CA GLN A 754 -8.66 8.62 -17.52
C GLN A 754 -8.55 7.95 -18.89
N VAL A 755 -7.42 8.17 -19.57
CA VAL A 755 -7.18 7.57 -20.89
C VAL A 755 -7.47 6.07 -20.84
N ASP A 756 -6.81 5.36 -19.94
CA ASP A 756 -7.09 3.95 -19.72
C ASP A 756 -8.09 3.78 -18.59
N LEU A 765 -15.68 -0.69 -14.67
CA LEU A 765 -16.51 0.47 -14.99
C LEU A 765 -17.34 0.20 -16.23
N LYS A 766 -16.77 -0.56 -17.17
CA LYS A 766 -17.51 -1.02 -18.34
C LYS A 766 -18.80 -1.70 -17.89
N ASP A 767 -18.70 -2.48 -16.81
CA ASP A 767 -19.87 -3.11 -16.22
C ASP A 767 -20.98 -2.09 -16.00
N MET A 768 -20.63 -0.92 -15.44
CA MET A 768 -21.65 0.03 -15.01
C MET A 768 -22.30 0.77 -16.18
N ILE A 769 -21.52 1.13 -17.20
CA ILE A 769 -22.07 1.93 -18.30
C ILE A 769 -23.10 1.13 -19.09
N LYS A 770 -22.83 -0.16 -19.32
CA LYS A 770 -23.77 -1.00 -20.05
C LYS A 770 -25.02 -1.25 -19.21
N PHE A 771 -24.85 -1.54 -17.93
CA PHE A 771 -26.00 -1.73 -17.04
C PHE A 771 -26.92 -0.52 -17.08
N CYS A 772 -26.35 0.69 -16.99
CA CYS A 772 -27.17 1.89 -16.97
C CYS A 772 -27.89 2.07 -18.29
N LEU A 773 -27.20 1.82 -19.40
CA LEU A 773 -27.80 1.94 -20.72
C LEU A 773 -28.96 0.98 -20.89
N GLU A 774 -28.73 -0.30 -20.59
CA GLU A 774 -29.78 -1.30 -20.71
C GLU A 774 -30.96 -0.96 -19.82
N THR A 775 -30.70 -0.45 -18.62
CA THR A 775 -31.78 -0.09 -17.71
C THR A 775 -32.56 1.10 -18.23
N TYR A 776 -31.84 2.09 -18.75
CA TYR A 776 -32.49 3.26 -19.32
C TYR A 776 -33.34 2.86 -20.53
N ARG A 777 -32.79 2.03 -21.42
CA ARG A 777 -33.54 1.56 -22.58
C ARG A 777 -34.85 0.91 -22.18
N THR A 778 -34.85 0.09 -21.13
CA THR A 778 -36.09 -0.54 -20.69
C THR A 778 -37.11 0.46 -20.18
N LEU A 779 -36.66 1.62 -19.70
CA LEU A 779 -37.62 2.63 -19.28
C LEU A 779 -38.21 3.38 -20.48
N LEU A 780 -37.45 3.49 -21.57
CA LEU A 780 -37.92 4.21 -22.76
C LEU A 780 -38.65 3.30 -23.74
N GLU A 781 -38.14 2.08 -23.96
CA GLU A 781 -38.93 1.05 -24.62
C GLU A 781 -40.19 0.73 -23.83
N HIS A 782 -40.22 1.14 -22.56
CA HIS A 782 -41.24 0.78 -21.59
C HIS A 782 -41.41 -0.74 -21.62
N HIS A 783 -42.52 -1.27 -22.14
CA HIS A 783 -42.78 -2.69 -22.01
C HIS A 783 -42.73 -3.46 -23.32
N HIS A 784 -42.06 -2.94 -24.35
CA HIS A 784 -42.10 -3.64 -25.63
C HIS A 784 -40.71 -3.75 -26.24
N HIS A 785 -40.30 -5.00 -26.47
CA HIS A 785 -39.00 -5.31 -27.06
C HIS A 785 -38.97 -4.93 -28.53
N HIS A 786 -37.87 -4.31 -28.94
CA HIS A 786 -37.64 -3.91 -30.33
C HIS A 786 -36.57 -4.80 -30.95
N HIS A 787 -36.56 -4.86 -32.28
CA HIS A 787 -35.53 -5.61 -33.00
C HIS A 787 -34.50 -4.66 -33.58
#